data_6DFO
#
_entry.id   6DFO
#
_cell.length_a   55.556
_cell.length_b   74.734
_cell.length_c   89.670
_cell.angle_alpha   90.000
_cell.angle_beta   98.780
_cell.angle_gamma   90.000
#
_symmetry.space_group_name_H-M   'P 1 21 1'
#
loop_
_entity.id
_entity.type
_entity.pdbx_description
1 polymer 'Endoplasmic reticulum chaperone BiP'
2 non-polymer 8-bromoadenosine
3 water water
#
_entity_poly.entity_id   1
_entity_poly.type   'polypeptide(L)'
_entity_poly.pdbx_seq_one_letter_code
;DVGTVVGIDLGTTYSCVGVFKNGRVEIIANDQGNRITPSYVAFTPEGERLIGDAAKNQLTSNPENTVFDAKRLIGRTWND
PSVQQDIKFLPFKVVEKKTKPYIQVDIGGGQTKTFAPEEISAMVLTKMKETAEAYLGKKVTHAVVTVPAYFNDAQRQATK
DAGTIAGLNVMRIINEPTAAAIAYGLDKREGEKNILVFDLGGGTFDVSLLTIDNGVFEVVATNGDTHLGGEDFDQRVMEH
FIKLYKKKTGKDVRKDNRAVQKLRREVEKAKRALSSQHQARIEIESFYEGEDFSETLTRAKFEELNMDLFRSTMKPVQKV
LEDSDLKKSDIDEIVLVGGSTRIPKIQQLVKEFFNGKEPSRGINPDEAVAYGAAVQAGVLSG
;
_entity_poly.pdbx_strand_id   A,B
#
loop_
_chem_comp.id
_chem_comp.type
_chem_comp.name
_chem_comp.formula
GBA non-polymer 8-bromoadenosine 'C10 H12 Br N5 O4'
#
# COMPACT_ATOMS: atom_id res chain seq x y z
N ASP A 1 25.01 14.85 -47.05
CA ASP A 1 25.20 13.47 -46.58
C ASP A 1 24.31 13.15 -45.36
N VAL A 2 24.64 13.70 -44.18
CA VAL A 2 23.90 13.56 -42.93
C VAL A 2 22.71 14.55 -42.85
N GLY A 3 22.76 15.58 -43.72
CA GLY A 3 21.79 16.66 -43.86
C GLY A 3 21.57 17.44 -42.57
N THR A 4 20.37 18.01 -42.41
CA THR A 4 20.01 18.67 -41.14
C THR A 4 19.54 17.56 -40.19
N VAL A 5 20.30 17.36 -39.14
CA VAL A 5 19.99 16.36 -38.14
C VAL A 5 18.94 16.94 -37.17
N VAL A 6 17.92 16.12 -36.84
CA VAL A 6 16.88 16.57 -35.94
C VAL A 6 17.10 16.02 -34.51
N GLY A 7 16.68 16.80 -33.52
CA GLY A 7 16.70 16.42 -32.12
C GLY A 7 15.28 16.07 -31.71
N ILE A 8 15.05 14.81 -31.35
CA ILE A 8 13.69 14.39 -30.98
C ILE A 8 13.59 13.87 -29.54
N ASP A 9 12.69 14.48 -28.77
CA ASP A 9 12.33 14.03 -27.44
C ASP A 9 11.10 13.12 -27.68
N LEU A 10 11.27 11.80 -27.50
CA LEU A 10 10.18 10.84 -27.67
C LEU A 10 9.64 10.51 -26.26
N GLY A 11 8.58 11.22 -25.87
CA GLY A 11 7.94 11.12 -24.57
C GLY A 11 6.82 10.11 -24.45
N THR A 12 6.45 9.80 -23.20
CA THR A 12 5.40 8.82 -22.89
C THR A 12 4.06 9.32 -23.44
N THR A 13 3.73 10.59 -23.16
CA THR A 13 2.50 11.27 -23.50
C THR A 13 2.65 12.31 -24.63
N TYR A 14 3.79 13.05 -24.64
CA TYR A 14 4.08 14.10 -25.64
C TYR A 14 5.45 13.95 -26.23
N SER A 15 5.62 14.42 -27.46
CA SER A 15 6.87 14.42 -28.19
C SER A 15 7.17 15.80 -28.72
N CYS A 16 8.45 16.11 -28.87
CA CYS A 16 8.92 17.42 -29.28
C CYS A 16 10.08 17.25 -30.26
N VAL A 17 10.20 18.18 -31.22
CA VAL A 17 11.26 18.14 -32.23
C VAL A 17 11.89 19.53 -32.42
N GLY A 18 13.21 19.53 -32.50
CA GLY A 18 14.00 20.73 -32.70
C GLY A 18 15.09 20.56 -33.73
N VAL A 19 15.55 21.69 -34.29
CA VAL A 19 16.65 21.75 -35.28
C VAL A 19 17.56 22.89 -34.92
N PHE A 20 18.81 22.83 -35.37
CA PHE A 20 19.72 23.95 -35.20
C PHE A 20 19.75 24.69 -36.52
N LYS A 21 19.20 25.92 -36.52
CA LYS A 21 19.14 26.74 -37.72
C LYS A 21 19.60 28.14 -37.46
N ASN A 22 20.48 28.64 -38.36
CA ASN A 22 21.07 29.97 -38.31
C ASN A 22 21.52 30.37 -36.91
N GLY A 23 22.41 29.55 -36.38
CA GLY A 23 23.03 29.80 -35.08
C GLY A 23 22.20 29.62 -33.83
N ARG A 24 20.96 29.11 -33.96
CA ARG A 24 20.14 28.85 -32.77
C ARG A 24 19.25 27.62 -32.89
N VAL A 25 18.78 27.13 -31.74
CA VAL A 25 17.85 25.99 -31.72
C VAL A 25 16.46 26.50 -32.07
N GLU A 26 15.76 25.78 -32.96
CA GLU A 26 14.38 26.05 -33.34
C GLU A 26 13.48 24.88 -32.91
N ILE A 27 12.48 25.12 -32.03
CA ILE A 27 11.49 24.11 -31.66
C ILE A 27 10.37 24.24 -32.69
N ILE A 28 10.17 23.17 -33.46
CA ILE A 28 9.21 23.14 -34.57
C ILE A 28 7.79 22.81 -34.11
N ALA A 29 6.81 23.52 -34.67
CA ALA A 29 5.38 23.31 -34.45
C ALA A 29 4.83 22.34 -35.49
N ASN A 30 3.90 21.48 -35.06
CA ASN A 30 3.22 20.51 -35.94
C ASN A 30 2.16 21.20 -36.88
N ASP A 31 1.41 20.38 -37.64
CA ASP A 31 0.36 20.83 -38.55
C ASP A 31 -0.81 21.49 -37.78
N GLN A 32 -0.91 21.25 -36.44
CA GLN A 32 -1.94 21.85 -35.58
C GLN A 32 -1.48 23.12 -34.87
N GLY A 33 -0.25 23.53 -35.14
CA GLY A 33 0.36 24.74 -34.57
C GLY A 33 0.88 24.58 -33.16
N ASN A 34 1.04 23.31 -32.70
CA ASN A 34 1.52 22.96 -31.37
C ASN A 34 2.98 22.58 -31.41
N ARG A 35 3.75 23.03 -30.40
CA ARG A 35 5.20 22.77 -30.31
C ARG A 35 5.56 21.44 -29.64
N ILE A 36 4.54 20.69 -29.20
CA ILE A 36 4.56 19.34 -28.62
C ILE A 36 3.39 18.58 -29.23
N THR A 37 3.63 17.31 -29.59
CA THR A 37 2.68 16.41 -30.24
C THR A 37 2.39 15.25 -29.29
N PRO A 38 1.10 14.88 -29.04
CA PRO A 38 0.82 13.70 -28.20
C PRO A 38 1.33 12.43 -28.83
N SER A 39 1.93 11.54 -28.03
CA SER A 39 2.49 10.27 -28.48
C SER A 39 1.33 9.27 -28.63
N TYR A 40 0.39 9.60 -29.53
CA TYR A 40 -0.87 8.89 -29.77
C TYR A 40 -1.05 8.49 -31.20
N VAL A 41 -1.66 7.32 -31.37
CA VAL A 41 -2.04 6.77 -32.66
C VAL A 41 -3.50 6.26 -32.53
N ALA A 42 -4.38 6.65 -33.47
CA ALA A 42 -5.75 6.20 -33.54
C ALA A 42 -6.04 5.73 -34.95
N PHE A 43 -7.01 4.84 -35.09
CA PHE A 43 -7.50 4.29 -36.35
C PHE A 43 -9.00 4.55 -36.34
N THR A 44 -9.49 5.20 -37.40
CA THR A 44 -10.91 5.50 -37.56
C THR A 44 -11.58 4.32 -38.30
N PRO A 45 -12.88 4.00 -38.05
CA PRO A 45 -13.56 2.92 -38.80
C PRO A 45 -13.40 2.99 -40.34
N GLU A 46 -13.23 4.21 -40.91
CA GLU A 46 -12.99 4.42 -42.35
C GLU A 46 -11.61 3.88 -42.85
N GLY A 47 -10.68 3.69 -41.92
CA GLY A 47 -9.36 3.16 -42.21
C GLY A 47 -8.25 4.18 -42.14
N GLU A 48 -8.58 5.42 -41.73
CA GLU A 48 -7.57 6.46 -41.62
C GLU A 48 -6.76 6.29 -40.34
N ARG A 49 -5.42 6.33 -40.46
CA ARG A 49 -4.47 6.29 -39.35
C ARG A 49 -4.18 7.72 -38.95
N LEU A 50 -4.52 8.08 -37.70
CA LEU A 50 -4.32 9.40 -37.13
C LEU A 50 -3.16 9.35 -36.16
N ILE A 51 -2.29 10.35 -36.21
CA ILE A 51 -1.13 10.44 -35.31
C ILE A 51 -1.08 11.82 -34.67
N GLY A 52 -0.84 11.85 -33.37
CA GLY A 52 -0.70 13.09 -32.61
C GLY A 52 -1.99 13.64 -32.07
N ASP A 53 -2.21 14.96 -32.22
CA ASP A 53 -3.39 15.71 -31.77
C ASP A 53 -4.71 15.15 -32.29
N ALA A 54 -4.77 14.80 -33.59
CA ALA A 54 -5.96 14.23 -34.22
C ALA A 54 -6.34 12.89 -33.58
N ALA A 55 -5.32 12.10 -33.16
CA ALA A 55 -5.49 10.82 -32.50
C ALA A 55 -5.96 11.00 -31.03
N LYS A 56 -5.37 11.98 -30.29
CA LYS A 56 -5.74 12.24 -28.89
C LYS A 56 -7.08 12.95 -28.72
N ASN A 57 -7.41 13.84 -29.66
CA ASN A 57 -8.61 14.67 -29.57
C ASN A 57 -9.84 14.10 -30.25
N GLN A 58 -9.69 12.95 -30.91
CA GLN A 58 -10.79 12.28 -31.57
C GLN A 58 -11.77 11.76 -30.54
N LEU A 59 -13.07 12.13 -30.67
CA LEU A 59 -14.13 11.66 -29.77
C LEU A 59 -14.57 10.27 -30.25
N THR A 60 -14.51 9.29 -29.34
CA THR A 60 -14.80 7.88 -29.61
C THR A 60 -15.64 7.24 -28.49
N PRO A 63 -12.29 3.44 -27.24
CA PRO A 63 -10.88 3.65 -26.86
C PRO A 63 -10.02 2.41 -27.03
N GLU A 64 -10.58 1.36 -27.64
CA GLU A 64 -9.87 0.11 -27.90
C GLU A 64 -8.90 0.31 -29.04
N ASN A 65 -9.23 1.16 -30.01
CA ASN A 65 -8.38 1.36 -31.19
C ASN A 65 -7.49 2.62 -31.15
N THR A 66 -7.30 3.19 -29.94
CA THR A 66 -6.43 4.35 -29.70
C THR A 66 -5.28 3.86 -28.88
N VAL A 67 -4.06 3.93 -29.44
CA VAL A 67 -2.79 3.51 -28.84
C VAL A 67 -2.06 4.76 -28.35
N PHE A 68 -1.44 4.63 -27.18
CA PHE A 68 -0.62 5.63 -26.47
C PHE A 68 0.18 4.83 -25.43
N ASP A 69 1.15 5.47 -24.73
CA ASP A 69 1.97 4.86 -23.69
C ASP A 69 2.79 3.64 -24.16
N ALA A 70 3.13 3.56 -25.48
CA ALA A 70 3.97 2.49 -26.06
C ALA A 70 5.37 2.55 -25.41
N LYS A 71 5.80 3.75 -24.93
CA LYS A 71 7.06 3.94 -24.20
C LYS A 71 7.14 3.05 -22.95
N ARG A 72 5.97 2.71 -22.35
CA ARG A 72 5.94 1.82 -21.18
C ARG A 72 6.22 0.35 -21.57
N LEU A 73 6.02 -0.02 -22.85
CA LEU A 73 6.20 -1.39 -23.37
C LEU A 73 7.45 -1.58 -24.22
N ILE A 74 7.93 -0.51 -24.87
CA ILE A 74 9.06 -0.55 -25.79
C ILE A 74 10.33 -1.21 -25.14
N GLY A 75 10.95 -2.13 -25.88
CA GLY A 75 12.14 -2.87 -25.47
C GLY A 75 11.97 -3.80 -24.29
N ARG A 76 10.72 -4.16 -23.99
CA ARG A 76 10.39 -5.03 -22.87
C ARG A 76 9.77 -6.29 -23.43
N THR A 77 9.82 -7.36 -22.63
CA THR A 77 9.22 -8.64 -23.02
C THR A 77 7.80 -8.70 -22.49
N TRP A 78 6.97 -9.53 -23.12
CA TRP A 78 5.59 -9.72 -22.71
C TRP A 78 5.51 -10.06 -21.21
N ASN A 79 6.28 -11.09 -20.77
CA ASN A 79 6.24 -11.54 -19.38
C ASN A 79 6.91 -10.60 -18.37
N ASP A 80 7.49 -9.48 -18.82
CA ASP A 80 8.10 -8.48 -17.92
C ASP A 80 7.03 -8.07 -16.89
N PRO A 81 7.28 -8.26 -15.57
CA PRO A 81 6.26 -7.88 -14.56
C PRO A 81 5.71 -6.46 -14.69
N SER A 82 6.56 -5.51 -15.10
CA SER A 82 6.20 -4.11 -15.37
C SER A 82 5.12 -3.99 -16.47
N VAL A 83 5.28 -4.77 -17.57
CA VAL A 83 4.36 -4.85 -18.71
C VAL A 83 3.03 -5.42 -18.26
N GLN A 84 3.09 -6.52 -17.51
CA GLN A 84 1.94 -7.26 -17.01
C GLN A 84 1.07 -6.40 -16.11
N GLN A 85 1.71 -5.57 -15.27
CA GLN A 85 1.04 -4.64 -14.37
C GLN A 85 0.41 -3.51 -15.21
N ASP A 86 1.15 -3.01 -16.24
CA ASP A 86 0.74 -1.92 -17.10
C ASP A 86 -0.40 -2.24 -18.01
N ILE A 87 -0.43 -3.42 -18.64
CA ILE A 87 -1.51 -3.78 -19.59
C ILE A 87 -2.92 -3.84 -18.89
N LYS A 88 -2.97 -3.85 -17.54
CA LYS A 88 -4.20 -3.81 -16.73
C LYS A 88 -4.90 -2.45 -16.84
N PHE A 89 -4.10 -1.39 -17.10
CA PHE A 89 -4.57 -0.01 -17.23
C PHE A 89 -4.74 0.47 -18.66
N LEU A 90 -4.29 -0.32 -19.65
CA LEU A 90 -4.36 0.10 -21.05
C LEU A 90 -5.65 -0.36 -21.71
N PRO A 91 -6.42 0.56 -22.34
CA PRO A 91 -7.72 0.18 -22.91
C PRO A 91 -7.66 -0.70 -24.17
N PHE A 92 -6.54 -0.60 -24.91
CA PHE A 92 -6.26 -1.39 -26.12
C PHE A 92 -5.69 -2.76 -25.73
N LYS A 93 -5.79 -3.72 -26.68
CA LYS A 93 -5.33 -5.10 -26.51
C LYS A 93 -3.86 -5.20 -26.73
N VAL A 94 -3.22 -5.94 -25.82
CA VAL A 94 -1.80 -6.25 -25.84
C VAL A 94 -1.69 -7.78 -25.79
N VAL A 95 -0.97 -8.36 -26.73
CA VAL A 95 -0.82 -9.82 -26.86
C VAL A 95 0.63 -10.23 -26.87
N GLU A 96 0.92 -11.51 -26.61
CA GLU A 96 2.28 -12.01 -26.73
C GLU A 96 2.55 -12.43 -28.19
N LYS A 97 3.54 -11.84 -28.80
CA LYS A 97 3.98 -12.20 -30.15
C LYS A 97 5.48 -11.99 -30.17
N LYS A 98 6.21 -13.02 -30.65
CA LYS A 98 7.66 -13.02 -30.77
C LYS A 98 8.35 -12.62 -29.46
N THR A 99 7.78 -13.09 -28.32
CA THR A 99 8.21 -12.89 -26.90
C THR A 99 7.93 -11.48 -26.38
N LYS A 100 7.33 -10.61 -27.21
CA LYS A 100 7.07 -9.19 -26.95
C LYS A 100 5.60 -8.80 -26.70
N PRO A 101 5.32 -7.60 -26.09
CA PRO A 101 3.93 -7.18 -25.90
C PRO A 101 3.43 -6.37 -27.12
N TYR A 102 2.90 -7.06 -28.14
CA TYR A 102 2.39 -6.46 -29.36
C TYR A 102 1.00 -5.89 -29.11
N ILE A 103 0.71 -4.76 -29.72
CA ILE A 103 -0.59 -4.09 -29.59
C ILE A 103 -1.48 -4.58 -30.73
N GLN A 104 -2.73 -4.94 -30.40
CA GLN A 104 -3.73 -5.40 -31.34
C GLN A 104 -4.88 -4.39 -31.42
N VAL A 105 -5.18 -3.92 -32.66
CA VAL A 105 -6.27 -2.97 -32.94
C VAL A 105 -7.05 -3.33 -34.22
N ASP A 106 -8.28 -2.80 -34.33
CA ASP A 106 -9.08 -2.85 -35.55
C ASP A 106 -8.65 -1.58 -36.29
N ILE A 107 -8.03 -1.76 -37.46
CA ILE A 107 -7.56 -0.63 -38.29
C ILE A 107 -8.69 -0.09 -39.22
N GLY A 108 -9.92 -0.56 -39.00
CA GLY A 108 -11.08 -0.18 -39.79
C GLY A 108 -11.71 -1.35 -40.50
N GLY A 109 -13.04 -1.42 -40.44
CA GLY A 109 -13.88 -2.43 -41.06
C GLY A 109 -13.72 -3.82 -40.51
N GLY A 110 -13.39 -3.91 -39.22
CA GLY A 110 -13.17 -5.17 -38.50
C GLY A 110 -11.84 -5.84 -38.82
N GLN A 111 -10.96 -5.16 -39.58
CA GLN A 111 -9.66 -5.67 -39.95
C GLN A 111 -8.70 -5.54 -38.76
N THR A 112 -8.21 -6.66 -38.25
CA THR A 112 -7.31 -6.71 -37.09
C THR A 112 -5.83 -6.72 -37.54
N LYS A 113 -5.01 -5.93 -36.82
CA LYS A 113 -3.57 -5.81 -37.01
C LYS A 113 -2.87 -5.73 -35.66
N THR A 114 -1.65 -6.32 -35.61
CA THR A 114 -0.76 -6.30 -34.43
C THR A 114 0.48 -5.50 -34.76
N PHE A 115 0.87 -4.63 -33.84
CA PHE A 115 2.04 -3.79 -33.99
C PHE A 115 2.91 -3.97 -32.78
N ALA A 116 4.23 -4.10 -33.00
CA ALA A 116 5.20 -4.15 -31.90
C ALA A 116 5.26 -2.73 -31.30
N PRO A 117 5.66 -2.53 -30.00
CA PRO A 117 5.70 -1.15 -29.47
C PRO A 117 6.66 -0.23 -30.23
N GLU A 118 7.69 -0.81 -30.89
CA GLU A 118 8.61 0.02 -31.69
C GLU A 118 7.94 0.46 -33.02
N GLU A 119 6.89 -0.24 -33.48
CA GLU A 119 6.15 0.14 -34.70
C GLU A 119 5.23 1.29 -34.43
N ILE A 120 4.73 1.41 -33.18
CA ILE A 120 3.86 2.49 -32.75
C ILE A 120 4.71 3.73 -32.55
N SER A 121 5.85 3.58 -31.88
CA SER A 121 6.80 4.67 -31.67
C SER A 121 7.33 5.17 -32.99
N ALA A 122 7.50 4.26 -33.98
CA ALA A 122 7.91 4.59 -35.35
C ALA A 122 6.88 5.50 -36.00
N MET A 123 5.58 5.28 -35.74
CA MET A 123 4.47 6.13 -36.23
C MET A 123 4.56 7.56 -35.65
N VAL A 124 4.85 7.67 -34.35
CA VAL A 124 5.03 8.94 -33.65
C VAL A 124 6.29 9.64 -34.20
N LEU A 125 7.38 8.88 -34.41
CA LEU A 125 8.63 9.39 -34.96
C LEU A 125 8.47 9.88 -36.41
N THR A 126 7.61 9.20 -37.21
CA THR A 126 7.27 9.57 -38.59
C THR A 126 6.60 10.95 -38.55
N LYS A 127 5.66 11.17 -37.59
CA LYS A 127 4.96 12.45 -37.42
C LYS A 127 5.94 13.56 -37.08
N MET A 128 6.94 13.27 -36.26
CA MET A 128 7.94 14.24 -35.85
C MET A 128 8.79 14.65 -36.99
N LYS A 129 9.13 13.67 -37.84
CA LYS A 129 9.96 13.79 -39.04
C LYS A 129 9.18 14.60 -40.08
N GLU A 130 7.87 14.31 -40.26
CA GLU A 130 7.01 15.05 -41.18
C GLU A 130 6.91 16.50 -40.75
N THR A 131 6.82 16.75 -39.41
CA THR A 131 6.80 18.07 -38.76
C THR A 131 8.07 18.87 -39.09
N ALA A 132 9.25 18.23 -39.00
CA ALA A 132 10.54 18.88 -39.26
C ALA A 132 10.76 19.12 -40.75
N GLU A 133 10.39 18.15 -41.61
CA GLU A 133 10.50 18.25 -43.08
C GLU A 133 9.63 19.40 -43.62
N ALA A 134 8.42 19.59 -43.05
CA ALA A 134 7.50 20.69 -43.41
C ALA A 134 8.16 22.02 -43.06
N TYR A 135 8.86 22.07 -41.93
CA TYR A 135 9.54 23.25 -41.47
C TYR A 135 10.80 23.60 -42.30
N LEU A 136 11.63 22.60 -42.60
CA LEU A 136 12.90 22.76 -43.29
C LEU A 136 12.76 22.85 -44.78
N GLY A 137 11.66 22.31 -45.32
CA GLY A 137 11.39 22.30 -46.74
C GLY A 137 12.19 21.29 -47.52
N LYS A 138 12.72 20.26 -46.82
CA LYS A 138 13.55 19.20 -47.38
C LYS A 138 13.42 17.94 -46.50
N LYS A 139 13.92 16.80 -47.02
CA LYS A 139 13.90 15.49 -46.35
C LYS A 139 14.85 15.39 -45.16
N VAL A 140 14.42 14.68 -44.12
CA VAL A 140 15.18 14.43 -42.90
C VAL A 140 15.48 12.93 -42.89
N THR A 141 16.75 12.59 -42.72
CA THR A 141 17.24 11.21 -42.72
C THR A 141 17.86 10.85 -41.38
N HIS A 142 18.45 11.83 -40.69
CA HIS A 142 19.17 11.57 -39.44
C HIS A 142 18.60 12.27 -38.25
N ALA A 143 18.83 11.69 -37.08
CA ALA A 143 18.29 12.19 -35.82
C ALA A 143 19.10 11.84 -34.58
N VAL A 144 18.90 12.62 -33.53
CA VAL A 144 19.40 12.40 -32.17
C VAL A 144 18.08 12.14 -31.39
N VAL A 145 17.94 10.97 -30.77
CA VAL A 145 16.72 10.65 -30.02
C VAL A 145 17.09 10.48 -28.55
N THR A 146 16.34 11.14 -27.65
CA THR A 146 16.54 11.00 -26.22
C THR A 146 15.70 9.83 -25.67
N VAL A 147 16.18 9.25 -24.54
CA VAL A 147 15.54 8.16 -23.80
C VAL A 147 15.69 8.46 -22.30
N PRO A 148 14.84 7.92 -21.39
CA PRO A 148 15.07 8.15 -19.94
C PRO A 148 16.40 7.54 -19.52
N ALA A 149 17.07 8.10 -18.51
CA ALA A 149 18.38 7.61 -18.05
C ALA A 149 18.42 6.14 -17.63
N TYR A 150 17.27 5.60 -17.13
CA TYR A 150 17.12 4.21 -16.67
C TYR A 150 16.92 3.19 -17.80
N PHE A 151 16.67 3.65 -19.04
CA PHE A 151 16.50 2.76 -20.20
C PHE A 151 17.70 1.85 -20.32
N ASN A 152 17.44 0.55 -20.42
CA ASN A 152 18.48 -0.48 -20.55
C ASN A 152 18.85 -0.70 -22.04
N ASP A 153 19.66 -1.71 -22.34
CA ASP A 153 20.13 -2.05 -23.70
C ASP A 153 19.01 -2.29 -24.68
N ALA A 154 18.03 -3.13 -24.30
CA ALA A 154 16.88 -3.51 -25.13
C ALA A 154 15.99 -2.32 -25.42
N GLN A 155 15.73 -1.47 -24.40
CA GLN A 155 14.92 -0.25 -24.55
C GLN A 155 15.55 0.79 -25.48
N ARG A 156 16.90 0.93 -25.43
CA ARG A 156 17.65 1.86 -26.29
C ARG A 156 17.69 1.36 -27.74
N GLN A 157 17.91 0.05 -27.92
CA GLN A 157 17.95 -0.59 -29.25
C GLN A 157 16.59 -0.52 -29.92
N ALA A 158 15.50 -0.78 -29.14
CA ALA A 158 14.14 -0.74 -29.67
C ALA A 158 13.75 0.69 -30.10
N THR A 159 14.27 1.73 -29.39
CA THR A 159 14.05 3.16 -29.75
C THR A 159 14.81 3.43 -31.05
N LYS A 160 16.03 2.83 -31.22
CA LYS A 160 16.82 2.93 -32.45
C LYS A 160 16.06 2.26 -33.61
N ASP A 161 15.44 1.09 -33.35
CA ASP A 161 14.63 0.31 -34.31
C ASP A 161 13.40 1.08 -34.76
N ALA A 162 12.70 1.75 -33.81
CA ALA A 162 11.55 2.62 -34.09
C ALA A 162 11.95 3.67 -35.10
N GLY A 163 13.13 4.26 -34.91
CA GLY A 163 13.73 5.26 -35.79
C GLY A 163 13.92 4.72 -37.19
N THR A 164 14.55 3.55 -37.30
CA THR A 164 14.83 2.87 -38.58
C THR A 164 13.54 2.65 -39.37
N ILE A 165 12.44 2.17 -38.70
CA ILE A 165 11.12 1.96 -39.30
C ILE A 165 10.56 3.30 -39.81
N ALA A 166 10.75 4.38 -39.05
CA ALA A 166 10.29 5.73 -39.43
C ALA A 166 11.13 6.35 -40.56
N GLY A 167 12.21 5.68 -40.95
CA GLY A 167 13.12 6.14 -41.99
C GLY A 167 14.13 7.14 -41.45
N LEU A 168 14.49 7.00 -40.16
CA LEU A 168 15.48 7.85 -39.50
C LEU A 168 16.67 7.03 -39.02
N ASN A 169 17.86 7.59 -39.20
CA ASN A 169 19.08 6.97 -38.74
C ASN A 169 19.36 7.65 -37.40
N VAL A 170 19.05 6.96 -36.30
CA VAL A 170 19.29 7.50 -34.96
C VAL A 170 20.79 7.41 -34.70
N MET A 171 21.49 8.51 -34.95
CA MET A 171 22.95 8.67 -34.82
C MET A 171 23.43 8.52 -33.41
N ARG A 172 22.66 9.05 -32.44
CA ARG A 172 22.95 9.03 -31.03
C ARG A 172 21.66 8.83 -30.24
N ILE A 173 21.72 8.02 -29.20
CA ILE A 173 20.65 7.90 -28.20
C ILE A 173 21.26 8.68 -27.00
N ILE A 174 20.58 9.73 -26.52
CA ILE A 174 21.06 10.60 -25.41
C ILE A 174 20.12 10.52 -24.22
N ASN A 175 20.65 10.50 -22.99
CA ASN A 175 19.73 10.50 -21.83
C ASN A 175 18.95 11.80 -21.71
N GLU A 176 17.65 11.71 -21.48
CA GLU A 176 16.75 12.87 -21.31
C GLU A 176 17.28 13.91 -20.31
N PRO A 177 17.71 13.54 -19.07
CA PRO A 177 18.24 14.57 -18.14
C PRO A 177 19.50 15.30 -18.64
N THR A 178 20.38 14.59 -19.35
CA THR A 178 21.61 15.09 -19.95
C THR A 178 21.26 16.12 -21.02
N ALA A 179 20.26 15.81 -21.90
CA ALA A 179 19.78 16.74 -22.93
C ALA A 179 19.24 17.97 -22.25
N ALA A 180 18.45 17.80 -21.16
CA ALA A 180 17.93 18.93 -20.41
C ALA A 180 19.06 19.85 -19.95
N ALA A 181 20.15 19.27 -19.39
CA ALA A 181 21.34 19.99 -18.91
C ALA A 181 22.08 20.71 -20.04
N ILE A 182 22.26 20.03 -21.21
CA ILE A 182 22.89 20.61 -22.40
C ILE A 182 22.14 21.85 -22.88
N ALA A 183 20.80 21.82 -22.87
CA ALA A 183 19.92 22.93 -23.26
C ALA A 183 20.19 24.16 -22.42
N TYR A 184 20.44 23.99 -21.09
CA TYR A 184 20.77 25.10 -20.17
C TYR A 184 22.27 25.48 -20.17
N GLY A 185 23.04 24.89 -21.06
CA GLY A 185 24.47 25.12 -21.21
C GLY A 185 25.33 24.71 -20.03
N LEU A 186 24.84 23.74 -19.23
CA LEU A 186 25.57 23.26 -18.05
C LEU A 186 26.79 22.39 -18.43
N ASP A 187 26.92 22.01 -19.72
CA ASP A 187 28.05 21.24 -20.26
C ASP A 187 29.26 22.17 -20.42
N LYS A 188 29.00 23.42 -20.85
CA LYS A 188 29.94 24.51 -21.13
C LYS A 188 30.57 25.09 -19.84
N ARG A 189 30.52 24.33 -18.73
CA ARG A 189 31.08 24.76 -17.46
C ARG A 189 32.29 23.94 -17.03
N GLU A 190 33.17 24.54 -16.23
CA GLU A 190 34.38 23.88 -15.76
C GLU A 190 34.32 23.58 -14.26
N GLY A 191 35.02 22.50 -13.90
CA GLY A 191 35.07 21.96 -12.55
C GLY A 191 34.18 20.73 -12.46
N GLU A 192 33.78 20.39 -11.23
CA GLU A 192 32.87 19.29 -10.98
C GLU A 192 31.60 19.89 -10.39
N LYS A 193 30.46 19.62 -11.02
CA LYS A 193 29.18 20.11 -10.54
C LYS A 193 28.16 19.00 -10.39
N ASN A 194 27.25 19.14 -9.41
CA ASN A 194 26.16 18.19 -9.17
C ASN A 194 24.88 18.78 -9.68
N ILE A 195 24.24 18.08 -10.61
CA ILE A 195 22.99 18.50 -11.24
C ILE A 195 21.84 17.61 -10.83
N LEU A 196 20.77 18.21 -10.30
CA LEU A 196 19.54 17.52 -9.97
C LEU A 196 18.56 17.89 -11.09
N VAL A 197 18.07 16.86 -11.80
CA VAL A 197 17.10 17.04 -12.87
C VAL A 197 15.76 16.52 -12.32
N PHE A 198 14.77 17.41 -12.24
CA PHE A 198 13.42 17.12 -11.75
C PHE A 198 12.50 17.16 -12.95
N ASP A 199 12.09 15.99 -13.42
CA ASP A 199 11.27 15.81 -14.63
C ASP A 199 9.88 15.27 -14.32
N LEU A 200 8.88 16.14 -14.34
CA LEU A 200 7.49 15.77 -14.12
C LEU A 200 6.72 15.91 -15.45
N GLY A 201 6.58 14.79 -16.15
CA GLY A 201 5.92 14.73 -17.45
C GLY A 201 4.43 14.46 -17.36
N GLY A 202 3.86 14.03 -18.49
CA GLY A 202 2.43 13.74 -18.60
C GLY A 202 1.94 12.57 -17.81
N GLY A 203 2.77 11.53 -17.72
CA GLY A 203 2.44 10.33 -16.99
C GLY A 203 3.54 9.73 -16.11
N THR A 204 4.77 10.24 -16.23
CA THR A 204 5.95 9.73 -15.49
C THR A 204 6.64 10.84 -14.74
N PHE A 205 7.28 10.49 -13.63
CA PHE A 205 8.05 11.44 -12.84
C PHE A 205 9.47 10.90 -12.67
N ASP A 206 10.47 11.59 -13.18
CA ASP A 206 11.86 11.14 -13.10
C ASP A 206 12.81 12.14 -12.45
N VAL A 207 13.57 11.67 -11.45
CA VAL A 207 14.58 12.45 -10.74
C VAL A 207 15.93 11.83 -11.06
N SER A 208 16.87 12.63 -11.52
CA SER A 208 18.19 12.15 -11.88
C SER A 208 19.25 13.04 -11.27
N LEU A 209 20.25 12.41 -10.67
CA LEU A 209 21.38 13.13 -10.14
C LEU A 209 22.51 12.91 -11.16
N LEU A 210 22.95 13.98 -11.80
CA LEU A 210 24.05 13.91 -12.77
C LEU A 210 25.26 14.66 -12.25
N THR A 211 26.45 14.30 -12.75
CA THR A 211 27.67 15.02 -12.42
C THR A 211 28.36 15.43 -13.72
N ILE A 212 28.73 16.71 -13.81
CA ILE A 212 29.45 17.25 -14.96
C ILE A 212 30.91 17.51 -14.58
N ASP A 213 31.85 16.85 -15.26
CA ASP A 213 33.29 17.04 -15.05
C ASP A 213 33.95 17.33 -16.39
N ASN A 214 34.12 18.61 -16.64
CA ASN A 214 34.71 19.06 -17.85
C ASN A 214 33.92 18.62 -19.10
N GLY A 215 32.70 19.14 -19.33
CA GLY A 215 31.87 18.70 -20.45
C GLY A 215 31.48 17.23 -20.47
N VAL A 216 31.86 16.43 -19.42
CA VAL A 216 31.49 15.01 -19.43
C VAL A 216 30.48 14.68 -18.31
N PHE A 217 29.27 14.26 -18.74
CA PHE A 217 28.15 13.89 -17.88
C PHE A 217 28.24 12.44 -17.46
N GLU A 218 27.72 12.19 -16.25
CA GLU A 218 27.63 10.87 -15.65
C GLU A 218 26.36 10.93 -14.85
N VAL A 219 25.49 9.92 -15.02
CA VAL A 219 24.24 9.76 -14.28
C VAL A 219 24.63 8.93 -13.05
N VAL A 220 24.50 9.51 -11.85
CA VAL A 220 24.91 8.88 -10.59
C VAL A 220 23.83 8.00 -9.97
N ALA A 221 22.60 8.50 -9.92
CA ALA A 221 21.43 7.81 -9.37
C ALA A 221 20.17 8.35 -10.05
N THR A 222 19.13 7.51 -10.14
CA THR A 222 17.83 7.87 -10.68
C THR A 222 16.73 7.40 -9.74
N ASN A 223 15.64 8.16 -9.69
CA ASN A 223 14.45 7.79 -8.92
C ASN A 223 13.23 8.36 -9.62
N GLY A 224 12.11 8.36 -8.92
CA GLY A 224 10.84 8.86 -9.42
C GLY A 224 9.68 7.94 -9.15
N ASP A 225 8.64 8.08 -9.96
CA ASP A 225 7.42 7.30 -9.88
C ASP A 225 6.91 7.22 -11.30
N THR A 226 6.83 6.01 -11.86
CA THR A 226 6.44 5.73 -13.24
C THR A 226 4.96 6.00 -13.51
N HIS A 227 4.15 6.13 -12.45
CA HIS A 227 2.71 6.36 -12.58
C HIS A 227 2.24 7.67 -11.93
N LEU A 228 3.09 8.68 -12.00
CA LEU A 228 2.79 10.01 -11.48
C LEU A 228 3.19 11.02 -12.54
N GLY A 229 2.25 11.83 -12.96
CA GLY A 229 2.46 12.86 -13.96
C GLY A 229 1.28 13.81 -14.07
N GLY A 230 1.34 14.70 -15.05
CA GLY A 230 0.30 15.69 -15.31
C GLY A 230 -1.12 15.19 -15.40
N GLU A 231 -1.33 14.05 -16.09
CA GLU A 231 -2.63 13.40 -16.28
C GLU A 231 -3.31 13.06 -14.95
N ASP A 232 -2.52 12.72 -13.95
CA ASP A 232 -2.98 12.37 -12.62
C ASP A 232 -3.61 13.57 -11.94
N PHE A 233 -3.07 14.76 -12.29
CA PHE A 233 -3.58 16.05 -11.85
C PHE A 233 -4.91 16.37 -12.54
N ASP A 234 -5.02 16.08 -13.88
CA ASP A 234 -6.24 16.25 -14.70
C ASP A 234 -7.37 15.41 -14.09
N GLN A 235 -7.04 14.13 -13.80
CA GLN A 235 -7.92 13.12 -13.23
C GLN A 235 -8.48 13.50 -11.85
N ARG A 236 -7.69 14.19 -11.01
CA ARG A 236 -8.14 14.64 -9.69
C ARG A 236 -9.19 15.72 -9.82
N VAL A 237 -9.03 16.57 -10.85
CA VAL A 237 -9.94 17.67 -11.18
C VAL A 237 -11.24 17.07 -11.76
N MET A 238 -11.10 16.06 -12.65
CA MET A 238 -12.17 15.29 -13.26
C MET A 238 -13.10 14.72 -12.18
N GLU A 239 -12.52 14.11 -11.13
CA GLU A 239 -13.25 13.51 -10.01
C GLU A 239 -14.08 14.55 -9.31
N HIS A 240 -13.50 15.72 -9.02
CA HIS A 240 -14.15 16.87 -8.40
C HIS A 240 -15.39 17.33 -9.20
N PHE A 241 -15.26 17.49 -10.52
CA PHE A 241 -16.39 17.91 -11.35
C PHE A 241 -17.42 16.80 -11.60
N ILE A 242 -17.00 15.51 -11.62
CA ILE A 242 -17.94 14.39 -11.78
C ILE A 242 -18.78 14.26 -10.48
N LYS A 243 -18.14 14.35 -9.30
CA LYS A 243 -18.81 14.33 -8.00
C LYS A 243 -19.75 15.54 -7.80
N LEU A 244 -19.35 16.73 -8.31
CA LEU A 244 -20.15 17.96 -8.20
C LEU A 244 -21.40 17.92 -9.10
N TYR A 245 -21.26 17.39 -10.35
CA TYR A 245 -22.35 17.23 -11.32
C TYR A 245 -23.38 16.21 -10.79
N LYS A 246 -22.91 15.24 -9.98
CA LYS A 246 -23.73 14.22 -9.31
C LYS A 246 -24.56 14.90 -8.20
N LYS A 247 -23.95 15.85 -7.45
CA LYS A 247 -24.57 16.60 -6.36
C LYS A 247 -25.55 17.65 -6.87
N LYS A 248 -25.23 18.25 -8.03
CA LYS A 248 -26.06 19.28 -8.66
C LYS A 248 -27.18 18.75 -9.55
N THR A 249 -27.01 17.56 -10.17
CA THR A 249 -28.01 17.02 -11.10
C THR A 249 -28.47 15.58 -10.78
N GLY A 250 -27.73 14.86 -9.94
CA GLY A 250 -28.02 13.46 -9.61
C GLY A 250 -27.62 12.50 -10.72
N LYS A 251 -26.99 13.02 -11.80
CA LYS A 251 -26.56 12.22 -12.94
C LYS A 251 -25.11 11.73 -12.80
N ASP A 252 -24.74 10.72 -13.61
CA ASP A 252 -23.41 10.10 -13.62
C ASP A 252 -22.76 10.32 -15.00
N VAL A 253 -21.93 11.39 -15.09
CA VAL A 253 -21.18 11.84 -16.28
C VAL A 253 -20.49 10.67 -17.01
N ARG A 254 -19.93 9.74 -16.22
CA ARG A 254 -19.15 8.58 -16.66
C ARG A 254 -19.93 7.62 -17.59
N LYS A 255 -21.29 7.69 -17.60
CA LYS A 255 -22.21 6.92 -18.46
C LYS A 255 -22.02 7.25 -19.94
N ASP A 256 -21.60 8.50 -20.26
CA ASP A 256 -21.29 8.94 -21.63
C ASP A 256 -19.78 9.14 -21.71
N ASN A 257 -19.09 8.30 -22.52
CA ASN A 257 -17.62 8.36 -22.72
C ASN A 257 -17.16 9.63 -23.41
N ARG A 258 -17.91 10.11 -24.43
CA ARG A 258 -17.57 11.34 -25.15
C ARG A 258 -17.68 12.56 -24.24
N ALA A 259 -18.67 12.57 -23.29
CA ALA A 259 -18.85 13.64 -22.29
C ALA A 259 -17.65 13.68 -21.33
N VAL A 260 -17.05 12.51 -21.05
CA VAL A 260 -15.86 12.39 -20.21
C VAL A 260 -14.63 12.96 -20.96
N GLN A 261 -14.48 12.64 -22.26
CA GLN A 261 -13.37 13.09 -23.13
C GLN A 261 -13.42 14.61 -23.32
N LYS A 262 -14.63 15.17 -23.45
CA LYS A 262 -14.88 16.60 -23.61
C LYS A 262 -14.41 17.33 -22.34
N LEU A 263 -14.82 16.84 -21.15
CA LEU A 263 -14.45 17.39 -19.86
C LEU A 263 -12.94 17.26 -19.65
N ARG A 264 -12.35 16.10 -20.05
CA ARG A 264 -10.92 15.83 -19.95
C ARG A 264 -10.12 16.88 -20.72
N ARG A 265 -10.53 17.21 -21.95
CA ARG A 265 -9.87 18.21 -22.80
C ARG A 265 -9.98 19.63 -22.19
N GLU A 266 -11.13 19.94 -21.59
CA GLU A 266 -11.40 21.23 -20.97
C GLU A 266 -10.68 21.40 -19.65
N VAL A 267 -10.55 20.32 -18.89
CA VAL A 267 -9.87 20.27 -17.58
C VAL A 267 -8.36 20.46 -17.78
N GLU A 268 -7.83 19.91 -18.89
CA GLU A 268 -6.42 20.00 -19.25
C GLU A 268 -6.06 21.46 -19.64
N LYS A 269 -6.94 22.14 -20.41
CA LYS A 269 -6.75 23.55 -20.83
C LYS A 269 -6.76 24.46 -19.61
N ALA A 270 -7.74 24.21 -18.71
CA ALA A 270 -7.93 24.92 -17.45
C ALA A 270 -6.73 24.76 -16.53
N LYS A 271 -6.14 23.53 -16.47
CA LYS A 271 -4.97 23.26 -15.64
C LYS A 271 -3.81 24.16 -16.06
N ARG A 272 -3.59 24.29 -17.39
CA ARG A 272 -2.52 25.10 -18.00
C ARG A 272 -2.69 26.57 -17.70
N ALA A 273 -3.93 27.06 -17.74
CA ALA A 273 -4.29 28.44 -17.47
C ALA A 273 -3.97 28.85 -16.03
N LEU A 274 -4.18 27.93 -15.06
CA LEU A 274 -3.92 28.13 -13.63
C LEU A 274 -2.41 28.17 -13.22
N SER A 275 -1.52 28.10 -14.22
CA SER A 275 -0.09 28.18 -14.03
C SER A 275 0.35 29.63 -14.17
N SER A 276 -0.50 30.42 -14.84
CA SER A 276 -0.35 31.83 -15.11
C SER A 276 -1.42 32.67 -14.38
N GLN A 277 -2.70 32.26 -14.42
CA GLN A 277 -3.79 32.99 -13.79
C GLN A 277 -4.35 32.28 -12.53
N HIS A 278 -5.35 32.87 -11.88
CA HIS A 278 -5.89 32.32 -10.62
C HIS A 278 -7.27 31.66 -10.74
N GLN A 279 -7.88 31.76 -11.89
CA GLN A 279 -9.22 31.24 -12.16
C GLN A 279 -9.38 30.80 -13.60
N ALA A 280 -10.11 29.72 -13.82
CA ALA A 280 -10.36 29.23 -15.17
C ALA A 280 -11.80 28.73 -15.23
N ARG A 281 -12.44 28.92 -16.37
CA ARG A 281 -13.78 28.43 -16.57
C ARG A 281 -13.82 27.31 -17.57
N ILE A 282 -14.61 26.29 -17.25
CA ILE A 282 -14.83 25.19 -18.14
C ILE A 282 -16.20 25.34 -18.80
N GLU A 283 -16.26 25.04 -20.08
CA GLU A 283 -17.46 25.25 -20.85
C GLU A 283 -17.66 24.19 -21.91
N ILE A 284 -18.80 23.54 -21.83
CA ILE A 284 -19.08 22.45 -22.72
C ILE A 284 -20.54 22.36 -23.16
N GLU A 285 -20.75 22.21 -24.46
CA GLU A 285 -22.09 22.03 -24.99
C GLU A 285 -22.17 20.67 -25.67
N SER A 286 -23.29 19.97 -25.55
CA SER A 286 -24.34 20.26 -24.56
C SER A 286 -23.91 19.67 -23.24
N PHE A 287 -23.04 18.66 -23.32
CA PHE A 287 -22.40 17.96 -22.21
C PHE A 287 -22.98 16.60 -21.96
N TYR A 288 -24.14 16.57 -21.31
CA TYR A 288 -24.74 15.35 -20.87
C TYR A 288 -26.25 15.49 -20.79
N GLU A 289 -26.95 14.77 -21.66
CA GLU A 289 -28.40 14.78 -21.71
C GLU A 289 -28.86 16.10 -22.20
N GLY A 290 -28.15 16.62 -23.17
CA GLY A 290 -28.37 17.95 -23.68
C GLY A 290 -28.03 19.11 -22.76
N GLU A 291 -27.94 18.85 -21.49
CA GLU A 291 -27.70 19.82 -20.40
C GLU A 291 -26.24 20.31 -20.37
N ASP A 292 -26.07 21.64 -20.54
CA ASP A 292 -24.81 22.36 -20.64
C ASP A 292 -23.92 22.32 -19.40
N PHE A 293 -22.59 22.49 -19.63
CA PHE A 293 -21.59 22.54 -18.58
C PHE A 293 -20.82 23.84 -18.54
N SER A 294 -20.90 24.54 -17.40
CA SER A 294 -20.16 25.77 -17.14
C SER A 294 -19.87 25.87 -15.66
N GLU A 295 -18.57 25.75 -15.31
CA GLU A 295 -18.09 25.81 -13.94
C GLU A 295 -16.69 26.46 -13.88
N THR A 296 -16.27 26.87 -12.68
CA THR A 296 -14.97 27.52 -12.50
C THR A 296 -14.05 26.72 -11.62
N LEU A 297 -12.74 26.89 -11.85
CA LEU A 297 -11.72 26.26 -11.05
C LEU A 297 -10.73 27.31 -10.63
N THR A 298 -10.46 27.37 -9.32
CA THR A 298 -9.46 28.30 -8.79
C THR A 298 -8.11 27.59 -8.67
N ARG A 299 -7.02 28.38 -8.65
CA ARG A 299 -5.67 27.85 -8.47
C ARG A 299 -5.61 27.16 -7.11
N ALA A 300 -6.18 27.80 -6.07
CA ALA A 300 -6.21 27.26 -4.69
C ALA A 300 -6.88 25.88 -4.59
N LYS A 301 -8.00 25.64 -5.35
CA LYS A 301 -8.73 24.36 -5.37
C LYS A 301 -7.92 23.26 -6.12
N PHE A 302 -7.35 23.62 -7.28
CA PHE A 302 -6.51 22.73 -8.07
C PHE A 302 -5.38 22.22 -7.17
N GLU A 303 -4.70 23.16 -6.44
CA GLU A 303 -3.65 22.87 -5.46
C GLU A 303 -4.16 21.94 -4.35
N GLU A 304 -5.37 22.19 -3.84
CA GLU A 304 -5.95 21.38 -2.75
C GLU A 304 -6.32 19.94 -3.23
N LEU A 305 -6.80 19.82 -4.47
CA LEU A 305 -7.16 18.53 -5.05
C LEU A 305 -5.94 17.66 -5.35
N ASN A 306 -4.76 18.30 -5.52
CA ASN A 306 -3.52 17.61 -5.90
C ASN A 306 -2.36 17.64 -4.91
N MET A 307 -2.51 18.30 -3.73
CA MET A 307 -1.45 18.53 -2.72
C MET A 307 -0.63 17.29 -2.33
N ASP A 308 -1.30 16.17 -2.07
CA ASP A 308 -0.65 14.92 -1.70
C ASP A 308 0.22 14.38 -2.85
N LEU A 309 -0.23 14.57 -4.11
CA LEU A 309 0.47 14.13 -5.31
C LEU A 309 1.67 15.02 -5.54
N PHE A 310 1.50 16.33 -5.30
CA PHE A 310 2.56 17.34 -5.40
C PHE A 310 3.64 17.05 -4.35
N ARG A 311 3.24 16.87 -3.07
CA ARG A 311 4.18 16.58 -1.97
C ARG A 311 4.93 15.27 -2.13
N SER A 312 4.32 14.27 -2.77
CA SER A 312 4.92 12.94 -2.98
C SER A 312 6.17 12.98 -3.86
N THR A 313 6.37 14.07 -4.65
CA THR A 313 7.50 14.25 -5.57
C THR A 313 8.86 14.47 -4.83
N MET A 314 8.81 14.89 -3.57
CA MET A 314 9.99 15.19 -2.73
C MET A 314 10.68 13.94 -2.22
N LYS A 315 9.90 12.87 -2.06
CA LYS A 315 10.40 11.58 -1.59
C LYS A 315 11.53 11.01 -2.51
N PRO A 316 11.33 10.81 -3.86
CA PRO A 316 12.43 10.34 -4.71
C PRO A 316 13.64 11.29 -4.78
N VAL A 317 13.43 12.62 -4.59
CA VAL A 317 14.52 13.64 -4.55
C VAL A 317 15.44 13.32 -3.37
N GLN A 318 14.85 12.96 -2.20
CA GLN A 318 15.59 12.55 -1.01
C GLN A 318 16.36 11.28 -1.27
N LYS A 319 15.71 10.26 -1.89
CA LYS A 319 16.34 8.97 -2.21
C LYS A 319 17.52 9.08 -3.17
N VAL A 320 17.47 9.96 -4.21
CA VAL A 320 18.63 10.12 -5.12
C VAL A 320 19.81 10.74 -4.39
N LEU A 321 19.56 11.72 -3.52
CA LEU A 321 20.60 12.38 -2.76
C LEU A 321 21.34 11.35 -1.91
N GLU A 322 20.57 10.47 -1.20
CA GLU A 322 21.09 9.39 -0.36
C GLU A 322 21.86 8.38 -1.19
N ASP A 323 21.27 7.92 -2.30
CA ASP A 323 21.85 6.93 -3.20
C ASP A 323 23.06 7.44 -4.01
N SER A 324 23.42 8.74 -3.83
CA SER A 324 24.58 9.42 -4.46
C SER A 324 25.50 10.00 -3.37
N ASP A 325 25.19 9.74 -2.08
CA ASP A 325 25.89 10.21 -0.89
C ASP A 325 26.11 11.73 -0.95
N LEU A 326 25.02 12.46 -1.21
CA LEU A 326 25.01 13.92 -1.30
C LEU A 326 23.97 14.50 -0.37
N LYS A 327 24.12 15.80 -0.08
CA LYS A 327 23.21 16.60 0.74
C LYS A 327 22.62 17.70 -0.17
N LYS A 328 21.60 18.45 0.32
CA LYS A 328 20.97 19.53 -0.44
C LYS A 328 22.01 20.59 -0.86
N SER A 329 22.96 20.90 0.05
CA SER A 329 24.05 21.86 -0.15
C SER A 329 24.96 21.49 -1.31
N ASP A 330 25.03 20.19 -1.63
CA ASP A 330 25.87 19.66 -2.71
C ASP A 330 25.30 19.86 -4.11
N ILE A 331 24.03 20.34 -4.24
CA ILE A 331 23.39 20.57 -5.54
C ILE A 331 23.76 21.97 -6.07
N ASP A 332 24.45 21.98 -7.22
CA ASP A 332 24.89 23.23 -7.85
C ASP A 332 23.88 23.79 -8.83
N GLU A 333 23.13 22.91 -9.50
CA GLU A 333 22.11 23.25 -10.50
C GLU A 333 20.86 22.39 -10.32
N ILE A 334 19.68 23.03 -10.38
CA ILE A 334 18.36 22.41 -10.34
C ILE A 334 17.74 22.66 -11.70
N VAL A 335 17.46 21.58 -12.46
CA VAL A 335 16.86 21.64 -13.81
C VAL A 335 15.44 21.10 -13.74
N LEU A 336 14.45 21.92 -14.13
CA LEU A 336 13.04 21.52 -14.19
C LEU A 336 12.64 21.11 -15.63
N VAL A 337 12.08 19.91 -15.76
CA VAL A 337 11.66 19.33 -17.04
C VAL A 337 10.18 18.94 -16.97
N GLY A 338 9.50 19.03 -18.11
CA GLY A 338 8.10 18.67 -18.22
C GLY A 338 7.18 19.84 -17.99
N GLY A 339 6.11 19.93 -18.76
CA GLY A 339 5.13 21.00 -18.66
C GLY A 339 4.56 21.18 -17.26
N SER A 340 4.45 20.06 -16.50
CA SER A 340 3.92 20.09 -15.15
C SER A 340 4.78 20.92 -14.16
N THR A 341 6.06 21.17 -14.49
CA THR A 341 6.94 21.96 -13.61
C THR A 341 6.64 23.46 -13.72
N ARG A 342 5.73 23.83 -14.66
CA ARG A 342 5.24 25.20 -14.82
C ARG A 342 4.28 25.51 -13.69
N ILE A 343 3.72 24.46 -13.03
CA ILE A 343 2.78 24.59 -11.91
C ILE A 343 3.47 25.36 -10.76
N PRO A 344 2.94 26.57 -10.39
CA PRO A 344 3.57 27.38 -9.31
C PRO A 344 3.82 26.65 -7.99
N LYS A 345 2.89 25.78 -7.54
CA LYS A 345 3.08 25.01 -6.30
C LYS A 345 4.24 23.99 -6.40
N ILE A 346 4.41 23.33 -7.58
CA ILE A 346 5.50 22.39 -7.84
C ILE A 346 6.82 23.18 -7.75
N GLN A 347 6.83 24.41 -8.30
CA GLN A 347 8.01 25.29 -8.29
C GLN A 347 8.35 25.73 -6.89
N GLN A 348 7.33 26.09 -6.09
CA GLN A 348 7.46 26.51 -4.71
C GLN A 348 8.05 25.36 -3.88
N LEU A 349 7.44 24.15 -4.01
CA LEU A 349 7.87 22.92 -3.32
C LEU A 349 9.34 22.56 -3.54
N VAL A 350 9.81 22.58 -4.81
CA VAL A 350 11.19 22.28 -5.19
C VAL A 350 12.16 23.35 -4.59
N LYS A 351 11.77 24.64 -4.67
CA LYS A 351 12.59 25.75 -4.15
C LYS A 351 12.79 25.63 -2.63
N GLU A 352 11.71 25.44 -1.87
CA GLU A 352 11.73 25.29 -0.40
C GLU A 352 12.49 24.04 0.05
N PHE A 353 12.47 22.95 -0.76
CA PHE A 353 13.23 21.74 -0.48
C PHE A 353 14.74 22.04 -0.60
N PHE A 354 15.13 22.93 -1.53
CA PHE A 354 16.52 23.30 -1.70
C PHE A 354 16.85 24.65 -1.01
N ASN A 355 16.19 24.87 0.15
CA ASN A 355 16.32 25.98 1.08
C ASN A 355 16.47 27.36 0.40
N GLY A 356 15.60 27.62 -0.58
CA GLY A 356 15.53 28.88 -1.30
C GLY A 356 16.28 28.93 -2.62
N LYS A 357 17.06 27.88 -2.95
CA LYS A 357 17.82 27.86 -4.20
C LYS A 357 16.92 27.94 -5.42
N GLU A 358 17.19 28.89 -6.30
CA GLU A 358 16.44 29.11 -7.51
C GLU A 358 16.86 28.15 -8.65
N PRO A 359 15.91 27.44 -9.31
CA PRO A 359 16.28 26.58 -10.44
C PRO A 359 16.65 27.36 -11.71
N SER A 360 17.29 26.67 -12.70
CA SER A 360 17.63 27.29 -13.99
C SER A 360 16.35 27.73 -14.69
N ARG A 361 16.39 28.84 -15.39
CA ARG A 361 15.24 29.35 -16.13
C ARG A 361 15.73 29.88 -17.46
N GLY A 362 14.88 29.78 -18.48
CA GLY A 362 15.22 30.24 -19.82
C GLY A 362 14.41 29.46 -20.82
N ILE A 363 14.76 28.17 -20.97
CA ILE A 363 14.07 27.24 -21.84
C ILE A 363 12.74 26.81 -21.18
N ASN A 364 11.68 26.60 -22.00
CA ASN A 364 10.39 26.06 -21.57
C ASN A 364 10.66 24.61 -21.12
N PRO A 365 10.16 24.16 -19.93
CA PRO A 365 10.48 22.80 -19.44
C PRO A 365 9.96 21.66 -20.29
N ASP A 366 8.94 21.93 -21.09
CA ASP A 366 8.35 20.94 -21.97
C ASP A 366 9.18 20.78 -23.26
N GLU A 367 10.11 21.72 -23.50
CA GLU A 367 10.92 21.77 -24.71
C GLU A 367 12.44 21.54 -24.51
N ALA A 368 12.90 21.62 -23.26
CA ALA A 368 14.30 21.49 -22.83
C ALA A 368 15.02 20.25 -23.35
N VAL A 369 14.39 19.08 -23.27
CA VAL A 369 14.97 17.83 -23.75
C VAL A 369 15.14 17.86 -25.30
N ALA A 370 14.10 18.29 -26.06
CA ALA A 370 14.22 18.39 -27.53
C ALA A 370 15.25 19.47 -27.91
N TYR A 371 15.35 20.55 -27.12
CA TYR A 371 16.31 21.64 -27.29
C TYR A 371 17.74 21.09 -27.18
N GLY A 372 18.04 20.34 -26.09
CA GLY A 372 19.34 19.72 -25.83
C GLY A 372 19.74 18.74 -26.89
N ALA A 373 18.76 18.00 -27.40
CA ALA A 373 18.91 17.03 -28.47
C ALA A 373 19.23 17.77 -29.79
N ALA A 374 18.57 18.92 -30.02
CA ALA A 374 18.80 19.79 -31.20
C ALA A 374 20.16 20.52 -31.14
N VAL A 375 20.70 20.75 -29.91
CA VAL A 375 22.03 21.34 -29.72
C VAL A 375 23.08 20.31 -30.24
N GLN A 376 22.94 19.02 -29.82
CA GLN A 376 23.82 17.91 -30.23
C GLN A 376 23.70 17.64 -31.72
N ALA A 377 22.45 17.69 -32.25
CA ALA A 377 22.11 17.50 -33.66
C ALA A 377 22.79 18.56 -34.54
N GLY A 378 22.92 19.78 -34.02
CA GLY A 378 23.61 20.89 -34.70
C GLY A 378 25.07 20.59 -34.99
N VAL A 379 25.82 20.18 -33.94
CA VAL A 379 27.24 19.77 -34.03
C VAL A 379 27.40 18.69 -35.10
N LEU A 380 26.50 17.68 -35.07
CA LEU A 380 26.49 16.55 -36.00
C LEU A 380 26.15 16.92 -37.41
N SER A 381 25.36 18.00 -37.60
CA SER A 381 24.97 18.50 -38.93
C SER A 381 26.14 19.23 -39.56
N GLY A 382 26.83 20.08 -38.77
CA GLY A 382 27.97 20.90 -39.19
C GLY A 382 27.52 22.24 -39.81
N ASP B 1 1.35 5.18 46.38
CA ASP B 1 2.31 5.25 45.28
C ASP B 1 1.95 4.24 44.17
N VAL B 2 2.69 4.28 43.03
CA VAL B 2 2.52 3.42 41.85
C VAL B 2 3.07 1.98 42.09
N GLY B 3 4.11 1.80 42.90
CA GLY B 3 4.71 0.48 43.16
C GLY B 3 5.25 -0.16 41.89
N THR B 4 5.21 -1.51 41.79
CA THR B 4 5.63 -2.17 40.54
C THR B 4 4.45 -2.13 39.59
N VAL B 5 4.61 -1.39 38.50
CA VAL B 5 3.57 -1.26 37.50
C VAL B 5 3.63 -2.48 36.58
N VAL B 6 2.45 -3.02 36.25
CA VAL B 6 2.39 -4.19 35.39
C VAL B 6 1.97 -3.79 33.97
N GLY B 7 2.48 -4.54 33.00
CA GLY B 7 2.14 -4.38 31.59
C GLY B 7 1.19 -5.51 31.23
N ILE B 8 -0.02 -5.19 30.86
CA ILE B 8 -1.02 -6.22 30.51
C ILE B 8 -1.54 -6.12 29.06
N ASP B 9 -1.39 -7.21 28.34
CA ASP B 9 -1.98 -7.39 27.03
C ASP B 9 -3.34 -8.07 27.30
N LEU B 10 -4.44 -7.34 27.09
CA LEU B 10 -5.79 -7.88 27.28
C LEU B 10 -6.32 -8.26 25.88
N GLY B 11 -6.17 -9.55 25.54
CA GLY B 11 -6.56 -10.11 24.25
C GLY B 11 -7.96 -10.67 24.17
N THR B 12 -8.41 -10.93 22.95
CA THR B 12 -9.75 -11.43 22.70
C THR B 12 -9.91 -12.83 23.30
N THR B 13 -8.92 -13.70 23.04
CA THR B 13 -8.89 -15.11 23.44
C THR B 13 -7.87 -15.39 24.56
N TYR B 14 -6.69 -14.70 24.53
CA TYR B 14 -5.61 -14.86 25.51
C TYR B 14 -5.12 -13.54 26.04
N SER B 15 -4.59 -13.56 27.27
CA SER B 15 -4.04 -12.41 27.94
C SER B 15 -2.65 -12.75 28.47
N CYS B 16 -1.82 -11.73 28.61
CA CYS B 16 -0.44 -11.87 29.02
C CYS B 16 -0.07 -10.72 29.96
N VAL B 17 0.80 -10.99 30.96
CA VAL B 17 1.23 -10.00 31.94
C VAL B 17 2.76 -10.07 32.14
N GLY B 18 3.37 -8.89 32.11
CA GLY B 18 4.81 -8.70 32.30
C GLY B 18 5.14 -7.61 33.30
N VAL B 19 6.35 -7.70 33.86
CA VAL B 19 6.92 -6.71 34.80
C VAL B 19 8.35 -6.39 34.39
N PHE B 20 8.85 -5.22 34.79
CA PHE B 20 10.25 -4.90 34.58
C PHE B 20 10.95 -5.15 35.90
N LYS B 21 11.81 -6.16 35.93
CA LYS B 21 12.53 -6.53 37.15
C LYS B 21 14.01 -6.72 36.86
N ASN B 22 14.85 -6.09 37.71
CA ASN B 22 16.32 -6.12 37.64
C ASN B 22 16.83 -5.94 36.22
N GLY B 23 16.49 -4.81 35.63
CA GLY B 23 16.96 -4.44 34.30
C GLY B 23 16.39 -5.16 33.10
N ARG B 24 15.40 -6.05 33.30
CA ARG B 24 14.79 -6.73 32.14
C ARG B 24 13.30 -6.98 32.31
N VAL B 25 12.64 -7.25 31.19
CA VAL B 25 11.21 -7.58 31.19
C VAL B 25 11.06 -9.05 31.59
N GLU B 26 10.12 -9.33 32.50
CA GLU B 26 9.75 -10.67 32.94
C GLU B 26 8.31 -10.96 32.53
N ILE B 27 8.07 -12.00 31.67
CA ILE B 27 6.71 -12.45 31.34
C ILE B 27 6.35 -13.48 32.41
N ILE B 28 5.30 -13.18 33.19
CA ILE B 28 4.89 -14.01 34.32
C ILE B 28 3.95 -15.17 33.90
N ALA B 29 4.21 -16.37 34.47
CA ALA B 29 3.37 -17.56 34.27
C ALA B 29 2.27 -17.61 35.34
N ASN B 30 1.09 -18.09 34.94
CA ASN B 30 -0.06 -18.27 35.83
C ASN B 30 0.11 -19.52 36.74
N ASP B 31 -0.94 -19.83 37.53
CA ASP B 31 -0.99 -20.99 38.42
C ASP B 31 -0.90 -22.33 37.65
N GLN B 32 -1.16 -22.33 36.33
CA GLN B 32 -1.10 -23.52 35.47
C GLN B 32 0.21 -23.66 34.72
N GLY B 33 1.14 -22.73 34.98
CA GLY B 33 2.47 -22.72 34.39
C GLY B 33 2.52 -22.17 32.98
N ASN B 34 1.43 -21.48 32.57
CA ASN B 34 1.29 -20.90 31.24
C ASN B 34 1.61 -19.41 31.27
N ARG B 35 2.35 -18.94 30.24
CA ARG B 35 2.76 -17.53 30.13
C ARG B 35 1.71 -16.64 29.45
N ILE B 36 0.57 -17.25 29.02
CA ILE B 36 -0.63 -16.65 28.44
C ILE B 36 -1.82 -17.33 29.12
N THR B 37 -2.85 -16.55 29.47
CA THR B 37 -4.07 -16.98 30.15
C THR B 37 -5.26 -16.76 29.22
N PRO B 38 -6.16 -17.77 29.05
CA PRO B 38 -7.37 -17.53 28.25
C PRO B 38 -8.25 -16.41 28.87
N SER B 39 -8.81 -15.53 28.00
CA SER B 39 -9.70 -14.46 28.41
C SER B 39 -11.11 -15.04 28.60
N TYR B 40 -11.20 -16.00 29.53
CA TYR B 40 -12.41 -16.80 29.82
C TYR B 40 -12.82 -16.72 31.25
N VAL B 41 -14.14 -16.74 31.43
CA VAL B 41 -14.79 -16.79 32.75
C VAL B 41 -15.87 -17.88 32.69
N ALA B 42 -15.90 -18.77 33.69
CA ALA B 42 -16.92 -19.80 33.83
C ALA B 42 -17.45 -19.77 35.26
N PHE B 43 -18.68 -20.22 35.42
CA PHE B 43 -19.37 -20.35 36.71
C PHE B 43 -19.81 -21.80 36.79
N THR B 44 -19.44 -22.46 37.90
CA THR B 44 -19.80 -23.84 38.16
C THR B 44 -21.15 -23.87 38.92
N PRO B 45 -22.02 -24.90 38.75
CA PRO B 45 -23.26 -24.96 39.55
C PRO B 45 -23.10 -24.75 41.07
N GLU B 46 -21.93 -25.09 41.64
CA GLU B 46 -21.59 -24.89 43.07
C GLU B 46 -21.49 -23.40 43.46
N GLY B 47 -21.24 -22.54 42.48
CA GLY B 47 -21.13 -21.10 42.67
C GLY B 47 -19.72 -20.58 42.54
N GLU B 48 -18.78 -21.46 42.18
CA GLU B 48 -17.37 -21.11 42.03
C GLU B 48 -17.15 -20.39 40.69
N ARG B 49 -16.51 -19.21 40.75
CA ARG B 49 -16.16 -18.40 39.57
C ARG B 49 -14.75 -18.81 39.15
N LEU B 50 -14.63 -19.32 37.94
CA LEU B 50 -13.36 -19.78 37.35
C LEU B 50 -12.91 -18.76 36.31
N ILE B 51 -11.62 -18.44 36.32
CA ILE B 51 -11.05 -17.49 35.37
C ILE B 51 -9.79 -18.09 34.75
N GLY B 52 -9.67 -17.96 33.43
CA GLY B 52 -8.51 -18.40 32.68
C GLY B 52 -8.61 -19.82 32.22
N ASP B 53 -7.50 -20.59 32.41
CA ASP B 53 -7.37 -22.00 31.98
C ASP B 53 -8.45 -22.91 32.55
N ALA B 54 -8.76 -22.76 33.86
CA ALA B 54 -9.80 -23.53 34.55
C ALA B 54 -11.16 -23.30 33.93
N ALA B 55 -11.43 -22.05 33.46
CA ALA B 55 -12.67 -21.67 32.79
C ALA B 55 -12.74 -22.23 31.36
N LYS B 56 -11.62 -22.19 30.59
CA LYS B 56 -11.57 -22.68 29.19
C LYS B 56 -11.55 -24.20 29.09
N ASN B 57 -10.87 -24.86 30.04
CA ASN B 57 -10.66 -26.30 30.01
C ASN B 57 -11.70 -27.10 30.78
N GLN B 58 -12.65 -26.43 31.43
CA GLN B 58 -13.72 -27.07 32.18
C GLN B 58 -14.63 -27.78 31.20
N LEU B 59 -14.87 -29.10 31.42
CA LEU B 59 -15.78 -29.88 30.58
C LEU B 59 -17.22 -29.64 31.07
N THR B 60 -18.09 -29.19 30.16
CA THR B 60 -19.47 -28.81 30.44
C THR B 60 -20.43 -29.28 29.35
N SER B 61 -21.73 -29.29 29.67
CA SER B 61 -22.83 -29.58 28.74
C SER B 61 -23.62 -28.27 28.60
N ASN B 62 -23.25 -27.26 29.45
CA ASN B 62 -23.81 -25.91 29.47
C ASN B 62 -22.74 -24.82 29.15
N PRO B 63 -22.42 -24.67 27.83
CA PRO B 63 -21.58 -23.55 27.37
C PRO B 63 -22.32 -22.19 27.48
N GLU B 64 -23.49 -22.19 28.11
CA GLU B 64 -24.29 -20.99 28.32
C GLU B 64 -23.67 -20.17 29.41
N ASN B 65 -23.05 -20.82 30.43
CA ASN B 65 -22.45 -20.10 31.56
C ASN B 65 -20.94 -19.87 31.50
N THR B 66 -20.35 -20.02 30.30
CA THR B 66 -18.94 -19.76 30.02
C THR B 66 -18.88 -18.54 29.13
N VAL B 67 -18.26 -17.45 29.64
CA VAL B 67 -18.10 -16.16 28.96
C VAL B 67 -16.65 -16.09 28.44
N PHE B 68 -16.50 -15.54 27.25
CA PHE B 68 -15.27 -15.28 26.51
C PHE B 68 -15.64 -14.25 25.41
N ASP B 69 -14.64 -13.71 24.68
CA ASP B 69 -14.82 -12.73 23.59
C ASP B 69 -15.55 -11.45 24.02
N ALA B 70 -15.43 -11.06 25.32
CA ALA B 70 -15.99 -9.82 25.85
C ALA B 70 -15.35 -8.60 25.13
N LYS B 71 -14.08 -8.76 24.66
CA LYS B 71 -13.36 -7.75 23.89
C LYS B 71 -14.13 -7.33 22.63
N ARG B 72 -14.95 -8.23 22.05
CA ARG B 72 -15.80 -7.94 20.88
C ARG B 72 -16.98 -7.03 21.23
N LEU B 73 -17.37 -6.99 22.51
CA LEU B 73 -18.52 -6.20 23.02
C LEU B 73 -18.13 -4.96 23.80
N ILE B 74 -16.95 -4.97 24.44
CA ILE B 74 -16.48 -3.89 25.31
C ILE B 74 -16.50 -2.50 24.60
N GLY B 75 -17.06 -1.51 25.29
CA GLY B 75 -17.19 -0.12 24.82
C GLY B 75 -18.11 0.07 23.65
N ARG B 76 -18.98 -0.90 23.36
CA ARG B 76 -19.92 -0.85 22.25
C ARG B 76 -21.32 -0.83 22.81
N THR B 77 -22.27 -0.37 22.00
CA THR B 77 -23.68 -0.30 22.39
C THR B 77 -24.35 -1.56 21.92
N TRP B 78 -25.46 -1.92 22.57
CA TRP B 78 -26.25 -3.08 22.21
C TRP B 78 -26.59 -3.05 20.70
N ASN B 79 -27.18 -1.94 20.22
CA ASN B 79 -27.62 -1.83 18.84
C ASN B 79 -26.48 -1.69 17.81
N ASP B 80 -25.21 -1.64 18.24
CA ASP B 80 -24.06 -1.57 17.33
C ASP B 80 -24.19 -2.77 16.34
N PRO B 81 -24.24 -2.51 15.01
CA PRO B 81 -24.36 -3.62 14.04
C PRO B 81 -23.33 -4.75 14.22
N SER B 82 -22.10 -4.39 14.61
CA SER B 82 -21.00 -5.31 14.92
C SER B 82 -21.38 -6.29 16.06
N VAL B 83 -22.00 -5.75 17.15
CA VAL B 83 -22.46 -6.49 18.32
C VAL B 83 -23.57 -7.45 17.91
N GLN B 84 -24.54 -6.94 17.15
CA GLN B 84 -25.71 -7.68 16.69
C GLN B 84 -25.34 -8.87 15.85
N GLN B 85 -24.34 -8.71 14.99
CA GLN B 85 -23.79 -9.77 14.14
C GLN B 85 -23.03 -10.78 15.04
N ASP B 86 -22.27 -10.29 16.03
CA ASP B 86 -21.46 -11.10 16.94
C ASP B 86 -22.26 -11.95 17.90
N ILE B 87 -23.32 -11.41 18.51
CA ILE B 87 -24.11 -12.18 19.49
C ILE B 87 -24.79 -13.45 18.87
N LYS B 88 -24.83 -13.55 17.52
CA LYS B 88 -25.35 -14.71 16.77
C LYS B 88 -24.45 -15.91 16.94
N PHE B 89 -23.15 -15.67 17.17
CA PHE B 89 -22.14 -16.72 17.33
C PHE B 89 -21.76 -17.02 18.79
N LEU B 90 -22.25 -16.21 19.75
CA LEU B 90 -21.90 -16.41 21.15
C LEU B 90 -22.89 -17.34 21.86
N PRO B 91 -22.38 -18.43 22.51
CA PRO B 91 -23.31 -19.39 23.17
C PRO B 91 -24.01 -18.87 24.42
N PHE B 92 -23.41 -17.89 25.09
CA PHE B 92 -23.95 -17.24 26.29
C PHE B 92 -24.94 -16.15 25.89
N LYS B 93 -25.80 -15.76 26.85
CA LYS B 93 -26.86 -14.76 26.63
C LYS B 93 -26.31 -13.38 26.76
N VAL B 94 -26.68 -12.52 25.81
CA VAL B 94 -26.36 -11.11 25.73
C VAL B 94 -27.69 -10.35 25.64
N VAL B 95 -27.89 -9.40 26.53
CA VAL B 95 -29.13 -8.63 26.62
C VAL B 95 -28.85 -7.13 26.57
N GLU B 96 -29.89 -6.33 26.29
CA GLU B 96 -29.74 -4.88 26.34
C GLU B 96 -30.00 -4.41 27.78
N LYS B 97 -29.01 -3.75 28.37
CA LYS B 97 -29.15 -3.13 29.68
C LYS B 97 -28.32 -1.88 29.64
N LYS B 98 -28.92 -0.74 30.08
CA LYS B 98 -28.27 0.57 30.14
C LYS B 98 -27.61 0.96 28.80
N THR B 99 -28.29 0.61 27.68
CA THR B 99 -27.93 0.84 26.25
C THR B 99 -26.78 -0.07 25.75
N LYS B 100 -26.26 -0.95 26.63
CA LYS B 100 -25.11 -1.80 26.40
C LYS B 100 -25.41 -3.30 26.21
N PRO B 101 -24.45 -4.09 25.65
CA PRO B 101 -24.68 -5.55 25.52
C PRO B 101 -24.15 -6.29 26.78
N TYR B 102 -25.00 -6.43 27.81
CA TYR B 102 -24.69 -7.10 29.07
C TYR B 102 -24.79 -8.59 28.89
N ILE B 103 -23.91 -9.32 29.53
CA ILE B 103 -23.88 -10.78 29.48
C ILE B 103 -24.69 -11.31 30.65
N GLN B 104 -25.57 -12.29 30.37
CA GLN B 104 -26.42 -12.93 31.36
C GLN B 104 -26.01 -14.40 31.53
N VAL B 105 -25.74 -14.82 32.78
CA VAL B 105 -25.36 -16.21 33.15
C VAL B 105 -26.00 -16.68 34.46
N ASP B 106 -26.08 -18.01 34.66
CA ASP B 106 -26.46 -18.63 35.92
C ASP B 106 -25.14 -18.76 36.66
N ILE B 107 -24.99 -18.05 37.79
CA ILE B 107 -23.77 -18.09 38.61
C ILE B 107 -23.78 -19.27 39.62
N GLY B 108 -24.75 -20.18 39.47
CA GLY B 108 -24.94 -21.33 40.33
C GLY B 108 -26.26 -21.31 41.06
N GLY B 109 -26.91 -22.48 41.08
CA GLY B 109 -28.19 -22.71 41.75
C GLY B 109 -29.37 -21.98 41.15
N GLY B 110 -29.31 -21.77 39.84
CA GLY B 110 -30.34 -21.05 39.08
C GLY B 110 -30.34 -19.55 39.30
N GLN B 111 -29.33 -19.02 40.03
CA GLN B 111 -29.18 -17.59 40.31
C GLN B 111 -28.66 -16.89 39.05
N THR B 112 -29.47 -16.00 38.48
CA THR B 112 -29.13 -15.25 37.27
C THR B 112 -28.50 -13.90 37.63
N LYS B 113 -27.41 -13.57 36.90
CA LYS B 113 -26.67 -12.31 37.01
C LYS B 113 -26.31 -11.80 35.64
N THR B 114 -26.30 -10.46 35.51
CA THR B 114 -25.91 -9.73 34.29
C THR B 114 -24.65 -8.95 34.58
N PHE B 115 -23.70 -9.03 33.65
CA PHE B 115 -22.42 -8.36 33.77
C PHE B 115 -22.21 -7.56 32.52
N ALA B 116 -21.75 -6.32 32.66
CA ALA B 116 -21.36 -5.46 31.54
C ALA B 116 -20.07 -6.08 30.96
N PRO B 117 -19.73 -5.87 29.64
CA PRO B 117 -18.47 -6.47 29.13
C PRO B 117 -17.22 -5.99 29.86
N GLU B 118 -17.27 -4.80 30.46
CA GLU B 118 -16.12 -4.31 31.23
C GLU B 118 -16.01 -5.05 32.59
N GLU B 119 -17.10 -5.63 33.10
CA GLU B 119 -17.09 -6.41 34.35
C GLU B 119 -16.47 -7.79 34.11
N ILE B 120 -16.72 -8.38 32.91
CA ILE B 120 -16.12 -9.65 32.47
C ILE B 120 -14.60 -9.47 32.26
N SER B 121 -14.17 -8.37 31.59
CA SER B 121 -12.77 -8.04 31.35
C SER B 121 -12.07 -7.73 32.64
N ALA B 122 -12.80 -7.13 33.61
CA ALA B 122 -12.30 -6.85 34.97
C ALA B 122 -11.94 -8.16 35.68
N MET B 123 -12.71 -9.23 35.46
CA MET B 123 -12.43 -10.58 36.00
C MET B 123 -11.13 -11.15 35.44
N VAL B 124 -10.91 -11.00 34.13
CA VAL B 124 -9.69 -11.43 33.43
C VAL B 124 -8.50 -10.62 33.94
N LEU B 125 -8.69 -9.29 34.11
CA LEU B 125 -7.67 -8.39 34.62
C LEU B 125 -7.30 -8.70 36.07
N THR B 126 -8.28 -9.12 36.90
CA THR B 126 -8.10 -9.56 38.29
C THR B 126 -7.18 -10.79 38.30
N LYS B 127 -7.41 -11.76 37.38
CA LYS B 127 -6.56 -12.96 37.25
C LYS B 127 -5.10 -12.61 36.86
N MET B 128 -4.91 -11.65 35.94
CA MET B 128 -3.57 -11.20 35.53
C MET B 128 -2.84 -10.56 36.70
N LYS B 129 -3.59 -9.79 37.52
CA LYS B 129 -3.13 -9.06 38.69
C LYS B 129 -2.74 -10.08 39.78
N GLU B 130 -3.59 -11.11 39.98
CA GLU B 130 -3.30 -12.20 40.94
C GLU B 130 -2.04 -12.95 40.52
N THR B 131 -1.88 -13.21 39.20
CA THR B 131 -0.70 -13.84 38.58
C THR B 131 0.59 -13.03 38.86
N ALA B 132 0.53 -11.68 38.72
CA ALA B 132 1.69 -10.81 38.95
C ALA B 132 2.01 -10.68 40.43
N GLU B 133 0.98 -10.54 41.30
CA GLU B 133 1.13 -10.45 42.75
C GLU B 133 1.78 -11.72 43.35
N ALA B 134 1.42 -12.91 42.81
CA ALA B 134 2.00 -14.21 43.19
C ALA B 134 3.47 -14.22 42.83
N TYR B 135 3.82 -13.62 41.69
CA TYR B 135 5.20 -13.55 41.22
C TYR B 135 6.05 -12.56 42.02
N LEU B 136 5.51 -11.36 42.28
CA LEU B 136 6.23 -10.27 42.93
C LEU B 136 6.26 -10.39 44.42
N GLY B 137 5.29 -11.10 44.98
CA GLY B 137 5.17 -11.30 46.42
C GLY B 137 4.64 -10.09 47.16
N LYS B 138 3.94 -9.21 46.45
CA LYS B 138 3.35 -7.97 46.96
C LYS B 138 2.15 -7.56 46.08
N LYS B 139 1.37 -6.58 46.55
CA LYS B 139 0.17 -6.05 45.90
C LYS B 139 0.50 -5.20 44.66
N VAL B 140 -0.35 -5.31 43.64
CA VAL B 140 -0.26 -4.55 42.40
C VAL B 140 -1.47 -3.63 42.36
N THR B 141 -1.21 -2.34 42.15
CA THR B 141 -2.23 -1.30 42.13
C THR B 141 -2.28 -0.61 40.77
N HIS B 142 -1.15 -0.53 40.06
CA HIS B 142 -1.06 0.19 38.80
C HIS B 142 -0.70 -0.68 37.62
N ALA B 143 -1.12 -0.24 36.44
CA ALA B 143 -0.93 -0.99 35.19
C ALA B 143 -0.89 -0.14 33.94
N VAL B 144 -0.29 -0.70 32.90
CA VAL B 144 -0.28 -0.19 31.52
C VAL B 144 -1.08 -1.29 30.79
N VAL B 145 -2.20 -0.90 30.14
CA VAL B 145 -3.01 -1.87 29.42
C VAL B 145 -3.01 -1.51 27.93
N THR B 146 -2.77 -2.50 27.08
CA THR B 146 -2.81 -2.29 25.65
C THR B 146 -4.24 -2.55 25.09
N VAL B 147 -4.54 -1.91 23.95
CA VAL B 147 -5.80 -2.01 23.20
C VAL B 147 -5.45 -2.06 21.70
N PRO B 148 -6.31 -2.63 20.81
CA PRO B 148 -6.02 -2.56 19.37
C PRO B 148 -5.97 -1.10 18.90
N ALA B 149 -5.17 -0.78 17.88
CA ALA B 149 -5.01 0.59 17.37
C ALA B 149 -6.33 1.26 16.92
N TYR B 150 -7.31 0.45 16.46
CA TYR B 150 -8.63 0.94 15.99
C TYR B 150 -9.64 1.25 17.12
N PHE B 151 -9.33 0.84 18.35
CA PHE B 151 -10.22 1.11 19.50
C PHE B 151 -10.51 2.59 19.57
N ASN B 152 -11.79 2.92 19.66
CA ASN B 152 -12.26 4.30 19.73
C ASN B 152 -12.29 4.78 21.21
N ASP B 153 -12.85 5.98 21.45
CA ASP B 153 -12.93 6.59 22.79
C ASP B 153 -13.64 5.73 23.82
N ALA B 154 -14.82 5.20 23.46
CA ALA B 154 -15.67 4.37 24.30
C ALA B 154 -14.98 3.06 24.67
N GLN B 155 -14.33 2.42 23.67
CA GLN B 155 -13.61 1.17 23.87
C GLN B 155 -12.39 1.30 24.78
N ARG B 156 -11.67 2.44 24.68
CA ARG B 156 -10.51 2.75 25.53
C ARG B 156 -10.92 3.06 26.97
N GLN B 157 -11.99 3.85 27.14
CA GLN B 157 -12.53 4.21 28.44
C GLN B 157 -13.06 2.96 29.16
N ALA B 158 -13.78 2.09 28.43
CA ALA B 158 -14.34 0.87 29.00
C ALA B 158 -13.24 -0.10 29.47
N THR B 159 -12.08 -0.14 28.75
CA THR B 159 -10.89 -0.93 29.12
C THR B 159 -10.29 -0.34 30.40
N LYS B 160 -10.30 1.02 30.53
CA LYS B 160 -9.86 1.72 31.75
C LYS B 160 -10.78 1.38 32.91
N ASP B 161 -12.10 1.36 32.66
CA ASP B 161 -13.15 1.01 33.64
C ASP B 161 -13.01 -0.43 34.13
N ALA B 162 -12.72 -1.38 33.21
CA ALA B 162 -12.45 -2.79 33.54
C ALA B 162 -11.32 -2.86 34.56
N GLY B 163 -10.27 -2.08 34.33
CA GLY B 163 -9.12 -1.97 35.21
C GLY B 163 -9.51 -1.49 36.59
N THR B 164 -10.29 -0.40 36.67
CA THR B 164 -10.77 0.19 37.92
C THR B 164 -11.53 -0.84 38.76
N ILE B 165 -12.43 -1.63 38.12
CA ILE B 165 -13.22 -2.68 38.76
C ILE B 165 -12.28 -3.75 39.32
N ALA B 166 -11.21 -4.10 38.57
CA ALA B 166 -10.22 -5.11 38.98
C ALA B 166 -9.29 -4.59 40.10
N GLY B 167 -9.43 -3.32 40.44
CA GLY B 167 -8.60 -2.67 41.46
C GLY B 167 -7.26 -2.24 40.90
N LEU B 168 -7.23 -1.90 39.60
CA LEU B 168 -6.03 -1.42 38.89
C LEU B 168 -6.23 0.00 38.39
N ASN B 169 -5.21 0.82 38.56
CA ASN B 169 -5.23 2.16 38.06
C ASN B 169 -4.49 2.07 36.72
N VAL B 170 -5.24 2.05 35.59
CA VAL B 170 -4.65 1.99 34.26
C VAL B 170 -4.09 3.36 33.98
N MET B 171 -2.78 3.51 34.22
CA MET B 171 -1.99 4.74 34.04
C MET B 171 -1.91 5.19 32.59
N ARG B 172 -1.82 4.23 31.65
CA ARG B 172 -1.73 4.50 30.23
C ARG B 172 -2.45 3.39 29.51
N ILE B 173 -3.16 3.74 28.43
CA ILE B 173 -3.75 2.81 27.47
C ILE B 173 -2.81 3.02 26.25
N ILE B 174 -2.19 1.95 25.75
CA ILE B 174 -1.27 2.10 24.63
C ILE B 174 -1.71 1.18 23.53
N ASN B 175 -1.41 1.51 22.26
CA ASN B 175 -1.82 0.65 21.15
C ASN B 175 -1.00 -0.63 21.07
N GLU B 176 -1.68 -1.77 20.88
CA GLU B 176 -1.05 -3.10 20.76
C GLU B 176 0.12 -3.11 19.75
N PRO B 177 -0.02 -2.63 18.48
CA PRO B 177 1.13 -2.65 17.55
C PRO B 177 2.35 -1.84 18.00
N THR B 178 2.12 -0.70 18.67
CA THR B 178 3.14 0.20 19.21
C THR B 178 3.92 -0.52 20.30
N ALA B 179 3.19 -1.22 21.19
CA ALA B 179 3.70 -2.05 22.28
C ALA B 179 4.54 -3.18 21.69
N ALA B 180 4.11 -3.78 20.57
CA ALA B 180 4.88 -4.81 19.85
C ALA B 180 6.22 -4.22 19.34
N ALA B 181 6.18 -3.01 18.75
CA ALA B 181 7.37 -2.30 18.24
C ALA B 181 8.37 -1.92 19.34
N ILE B 182 7.89 -1.42 20.50
CA ILE B 182 8.71 -1.04 21.67
C ILE B 182 9.47 -2.28 22.18
N ALA B 183 8.78 -3.44 22.23
CA ALA B 183 9.36 -4.72 22.65
C ALA B 183 10.57 -5.07 21.80
N TYR B 184 10.53 -4.83 20.47
CA TYR B 184 11.66 -5.07 19.56
C TYR B 184 12.69 -3.92 19.50
N GLY B 185 12.52 -2.91 20.35
CA GLY B 185 13.40 -1.77 20.43
C GLY B 185 13.40 -0.87 19.20
N LEU B 186 12.30 -0.89 18.44
CA LEU B 186 12.19 -0.07 17.23
C LEU B 186 11.98 1.45 17.54
N ASP B 187 11.73 1.77 18.82
CA ASP B 187 11.59 3.14 19.31
C ASP B 187 12.99 3.82 19.33
N LYS B 188 14.07 3.01 19.39
CA LYS B 188 15.49 3.43 19.35
C LYS B 188 15.96 3.77 17.91
N ARG B 189 15.21 3.35 16.87
CA ARG B 189 15.55 3.59 15.46
C ARG B 189 15.56 5.09 15.19
N GLU B 190 16.68 5.62 14.67
CA GLU B 190 16.81 7.02 14.34
C GLU B 190 16.51 7.22 12.88
N GLY B 191 15.65 8.19 12.61
CA GLY B 191 15.19 8.56 11.29
C GLY B 191 13.73 8.21 11.13
N GLU B 192 13.20 8.35 9.93
CA GLU B 192 11.83 7.97 9.68
C GLU B 192 11.85 6.52 9.23
N LYS B 193 11.08 5.66 9.90
CA LYS B 193 10.98 4.25 9.50
C LYS B 193 9.52 3.86 9.39
N ASN B 194 9.21 2.94 8.46
CA ASN B 194 7.86 2.41 8.27
C ASN B 194 7.80 1.00 8.84
N ILE B 195 6.88 0.80 9.79
CA ILE B 195 6.70 -0.46 10.49
C ILE B 195 5.37 -1.11 10.12
N LEU B 196 5.44 -2.36 9.65
CA LEU B 196 4.27 -3.16 9.36
C LEU B 196 4.15 -4.15 10.52
N VAL B 197 3.03 -4.09 11.24
CA VAL B 197 2.76 -5.01 12.36
C VAL B 197 1.69 -5.97 11.86
N PHE B 198 2.04 -7.27 11.82
CA PHE B 198 1.16 -8.35 11.36
C PHE B 198 0.79 -9.15 12.60
N ASP B 199 -0.44 -8.95 13.07
CA ASP B 199 -0.94 -9.57 14.31
C ASP B 199 -2.07 -10.58 14.05
N LEU B 200 -1.73 -11.86 14.13
CA LEU B 200 -2.70 -12.94 13.95
C LEU B 200 -2.89 -13.64 15.31
N GLY B 201 -3.96 -13.25 16.03
CA GLY B 201 -4.27 -13.79 17.34
C GLY B 201 -5.18 -15.00 17.30
N GLY B 202 -5.81 -15.30 18.44
CA GLY B 202 -6.71 -16.43 18.59
C GLY B 202 -8.00 -16.35 17.81
N GLY B 203 -8.55 -15.14 17.69
CA GLY B 203 -9.79 -14.92 16.96
C GLY B 203 -9.84 -13.71 16.04
N THR B 204 -8.83 -12.83 16.10
CA THR B 204 -8.77 -11.57 15.33
C THR B 204 -7.46 -11.47 14.56
N PHE B 205 -7.50 -10.80 13.42
CA PHE B 205 -6.31 -10.55 12.61
C PHE B 205 -6.18 -9.04 12.39
N ASP B 206 -5.08 -8.44 12.87
CA ASP B 206 -4.86 -6.99 12.73
C ASP B 206 -3.55 -6.63 12.05
N VAL B 207 -3.63 -5.77 11.02
CA VAL B 207 -2.48 -5.25 10.29
C VAL B 207 -2.43 -3.75 10.56
N SER B 208 -1.29 -3.25 10.99
CA SER B 208 -1.11 -1.84 11.28
C SER B 208 0.15 -1.32 10.63
N LEU B 209 0.04 -0.16 9.99
CA LEU B 209 1.18 0.50 9.42
C LEU B 209 1.50 1.65 10.38
N LEU B 210 2.67 1.56 11.02
CA LEU B 210 3.11 2.62 11.93
C LEU B 210 4.33 3.33 11.36
N THR B 211 4.54 4.57 11.79
CA THR B 211 5.73 5.32 11.42
C THR B 211 6.44 5.78 12.69
N ILE B 212 7.75 5.54 12.77
CA ILE B 212 8.58 5.98 13.89
C ILE B 212 9.45 7.18 13.40
N ASP B 213 9.25 8.35 14.01
CA ASP B 213 10.02 9.54 13.69
C ASP B 213 10.54 10.19 14.96
N ASN B 214 11.88 10.15 15.14
CA ASN B 214 12.56 10.73 16.29
C ASN B 214 12.01 10.14 17.62
N GLY B 215 11.77 8.84 17.61
CA GLY B 215 11.25 8.11 18.77
C GLY B 215 9.78 8.33 19.08
N VAL B 216 9.01 8.77 18.07
CA VAL B 216 7.58 9.02 18.20
C VAL B 216 6.81 8.21 17.16
N PHE B 217 5.89 7.34 17.65
CA PHE B 217 5.05 6.47 16.85
C PHE B 217 3.79 7.20 16.43
N GLU B 218 3.31 6.81 15.23
CA GLU B 218 2.09 7.29 14.63
C GLU B 218 1.55 6.11 13.89
N VAL B 219 0.26 5.80 14.10
CA VAL B 219 -0.46 4.72 13.41
C VAL B 219 -1.05 5.41 12.17
N VAL B 220 -0.60 4.98 10.99
CA VAL B 220 -1.00 5.58 9.70
C VAL B 220 -2.29 5.00 9.13
N ALA B 221 -2.38 3.66 9.12
CA ALA B 221 -3.52 2.90 8.59
C ALA B 221 -3.61 1.57 9.31
N THR B 222 -4.84 1.05 9.45
CA THR B 222 -5.11 -0.26 10.05
C THR B 222 -6.04 -1.08 9.16
N ASN B 223 -5.83 -2.39 9.14
CA ASN B 223 -6.70 -3.30 8.42
C ASN B 223 -6.74 -4.64 9.18
N GLY B 224 -7.27 -5.67 8.52
CA GLY B 224 -7.39 -7.00 9.09
C GLY B 224 -8.74 -7.62 8.85
N ASP B 225 -9.08 -8.59 9.67
CA ASP B 225 -10.33 -9.34 9.63
C ASP B 225 -10.62 -9.75 11.07
N THR B 226 -11.72 -9.24 11.61
CA THR B 226 -12.15 -9.43 13.02
C THR B 226 -12.57 -10.87 13.34
N HIS B 227 -12.81 -11.69 12.31
CA HIS B 227 -13.25 -13.09 12.48
C HIS B 227 -12.30 -14.09 11.87
N LEU B 228 -11.00 -13.78 11.94
CA LEU B 228 -9.95 -14.66 11.46
C LEU B 228 -8.87 -14.72 12.50
N GLY B 229 -8.58 -15.92 12.97
CA GLY B 229 -7.55 -16.15 13.97
C GLY B 229 -7.24 -17.62 14.15
N GLY B 230 -6.46 -17.93 15.18
CA GLY B 230 -6.00 -19.28 15.52
C GLY B 230 -7.04 -20.36 15.73
N GLU B 231 -8.21 -19.98 16.31
CA GLU B 231 -9.36 -20.87 16.60
C GLU B 231 -10.02 -21.35 15.30
N ASP B 232 -9.94 -20.55 14.24
CA ASP B 232 -10.52 -20.84 12.94
C ASP B 232 -9.75 -21.96 12.30
N PHE B 233 -8.43 -22.02 12.60
CA PHE B 233 -7.51 -23.07 12.17
C PHE B 233 -7.81 -24.39 12.93
N ASP B 234 -8.07 -24.32 14.28
CA ASP B 234 -8.47 -25.45 15.14
C ASP B 234 -9.75 -26.07 14.60
N GLN B 235 -10.75 -25.20 14.32
CA GLN B 235 -12.06 -25.55 13.80
C GLN B 235 -12.02 -26.26 12.45
N ARG B 236 -11.09 -25.90 11.55
CA ARG B 236 -10.94 -26.55 10.25
C ARG B 236 -10.44 -27.96 10.43
N VAL B 237 -9.56 -28.16 11.45
CA VAL B 237 -8.98 -29.46 11.82
C VAL B 237 -10.07 -30.33 12.46
N MET B 238 -10.89 -29.73 13.36
CA MET B 238 -12.04 -30.31 14.02
C MET B 238 -13.00 -30.92 12.99
N GLU B 239 -13.34 -30.16 11.92
CA GLU B 239 -14.25 -30.57 10.85
C GLU B 239 -13.72 -31.82 10.19
N HIS B 240 -12.41 -31.83 9.85
CA HIS B 240 -11.69 -32.95 9.23
C HIS B 240 -11.82 -34.23 10.07
N PHE B 241 -11.56 -34.14 11.38
CA PHE B 241 -11.66 -35.31 12.27
C PHE B 241 -13.09 -35.71 12.59
N ILE B 242 -14.05 -34.77 12.63
CA ILE B 242 -15.46 -35.11 12.86
C ILE B 242 -16.02 -35.85 11.63
N LYS B 243 -15.72 -35.35 10.41
CA LYS B 243 -16.09 -35.98 9.13
C LYS B 243 -15.44 -37.37 8.97
N LEU B 244 -14.18 -37.53 9.41
CA LEU B 244 -13.44 -38.80 9.32
C LEU B 244 -13.98 -39.85 10.27
N TYR B 245 -14.31 -39.45 11.53
CA TYR B 245 -14.88 -40.34 12.57
C TYR B 245 -16.26 -40.82 12.13
N LYS B 246 -17.00 -39.99 11.36
CA LYS B 246 -18.31 -40.28 10.77
C LYS B 246 -18.14 -41.34 9.67
N LYS B 247 -17.08 -41.20 8.86
CA LYS B 247 -16.77 -42.11 7.77
C LYS B 247 -16.32 -43.47 8.35
N LYS B 248 -15.43 -43.44 9.35
CA LYS B 248 -14.83 -44.63 9.96
C LYS B 248 -15.75 -45.39 10.93
N THR B 249 -16.70 -44.69 11.59
CA THR B 249 -17.57 -45.33 12.58
C THR B 249 -19.06 -45.12 12.36
N GLY B 250 -19.44 -44.15 11.52
CA GLY B 250 -20.84 -43.81 11.30
C GLY B 250 -21.46 -42.99 12.43
N LYS B 251 -20.64 -42.63 13.44
CA LYS B 251 -21.09 -41.87 14.62
C LYS B 251 -20.92 -40.36 14.48
N ASP B 252 -21.81 -39.58 15.12
CA ASP B 252 -21.77 -38.12 15.06
C ASP B 252 -21.26 -37.58 16.39
N VAL B 253 -19.94 -37.35 16.44
CA VAL B 253 -19.16 -36.83 17.55
C VAL B 253 -19.87 -35.68 18.24
N ARG B 254 -20.42 -34.73 17.43
CA ARG B 254 -21.09 -33.50 17.85
C ARG B 254 -22.27 -33.71 18.82
N LYS B 255 -22.83 -34.95 18.89
CA LYS B 255 -23.92 -35.35 19.81
C LYS B 255 -23.49 -35.31 21.28
N ASP B 256 -22.19 -35.53 21.56
CA ASP B 256 -21.58 -35.41 22.89
C ASP B 256 -20.69 -34.15 22.89
N ASN B 257 -21.10 -33.13 23.66
CA ASN B 257 -20.41 -31.84 23.77
C ASN B 257 -19.04 -31.96 24.43
N ARG B 258 -18.93 -32.80 25.48
CA ARG B 258 -17.66 -33.03 26.18
C ARG B 258 -16.62 -33.71 25.27
N ALA B 259 -17.08 -34.63 24.37
CA ALA B 259 -16.25 -35.31 23.38
C ALA B 259 -15.69 -34.28 22.36
N VAL B 260 -16.48 -33.23 22.05
CA VAL B 260 -16.09 -32.14 21.16
C VAL B 260 -15.00 -31.26 21.83
N GLN B 261 -15.18 -30.93 23.13
CA GLN B 261 -14.26 -30.12 23.93
C GLN B 261 -12.91 -30.83 24.11
N LYS B 262 -12.95 -32.15 24.31
CA LYS B 262 -11.77 -33.00 24.46
C LYS B 262 -10.94 -32.96 23.16
N LEU B 263 -11.62 -33.15 22.01
CA LEU B 263 -10.97 -33.11 20.69
C LEU B 263 -10.44 -31.70 20.40
N ARG B 264 -11.20 -30.66 20.79
CA ARG B 264 -10.80 -29.27 20.62
C ARG B 264 -9.48 -28.97 21.33
N ARG B 265 -9.33 -29.46 22.58
CA ARG B 265 -8.11 -29.28 23.38
C ARG B 265 -6.92 -30.03 22.77
N GLU B 266 -7.16 -31.22 22.23
CA GLU B 266 -6.14 -32.05 21.61
C GLU B 266 -5.70 -31.54 20.26
N VAL B 267 -6.64 -30.96 19.50
CA VAL B 267 -6.42 -30.39 18.17
C VAL B 267 -5.57 -29.12 18.29
N GLU B 268 -5.80 -28.36 19.38
CA GLU B 268 -5.06 -27.14 19.67
C GLU B 268 -3.59 -27.44 20.02
N LYS B 269 -3.34 -28.51 20.83
CA LYS B 269 -1.98 -28.95 21.23
C LYS B 269 -1.22 -29.43 19.99
N ALA B 270 -1.91 -30.21 19.15
CA ALA B 270 -1.40 -30.75 17.88
C ALA B 270 -1.03 -29.63 16.91
N LYS B 271 -1.86 -28.57 16.83
CA LYS B 271 -1.60 -27.42 15.97
C LYS B 271 -0.26 -26.77 16.33
N ARG B 272 0.00 -26.59 17.64
CA ARG B 272 1.22 -25.99 18.17
C ARG B 272 2.45 -26.81 17.86
N ALA B 273 2.32 -28.14 17.96
CA ALA B 273 3.39 -29.10 17.68
C ALA B 273 3.84 -29.05 16.21
N LEU B 274 2.90 -28.83 15.27
CA LEU B 274 3.14 -28.74 13.82
C LEU B 274 3.83 -27.42 13.36
N SER B 275 4.22 -26.58 14.33
CA SER B 275 4.94 -25.34 14.06
C SER B 275 6.43 -25.62 14.16
N SER B 276 6.76 -26.73 14.85
CA SER B 276 8.11 -27.24 15.07
C SER B 276 8.34 -28.58 14.35
N GLN B 277 7.39 -29.53 14.47
CA GLN B 277 7.52 -30.85 13.85
C GLN B 277 6.59 -31.04 12.64
N HIS B 278 6.65 -32.22 11.99
CA HIS B 278 5.87 -32.46 10.76
C HIS B 278 4.66 -33.39 10.94
N GLN B 279 4.53 -34.00 12.13
CA GLN B 279 3.40 -34.88 12.44
C GLN B 279 3.01 -34.70 13.89
N ALA B 280 1.74 -34.95 14.18
CA ALA B 280 1.22 -34.91 15.54
C ALA B 280 0.17 -35.98 15.67
N ARG B 281 0.14 -36.65 16.81
CA ARG B 281 -0.82 -37.70 17.10
C ARG B 281 -1.76 -37.14 18.13
N ILE B 282 -3.06 -37.42 17.93
CA ILE B 282 -4.16 -37.02 18.81
C ILE B 282 -4.71 -38.29 19.40
N GLU B 283 -4.64 -38.42 20.71
CA GLU B 283 -5.16 -39.58 21.37
C GLU B 283 -6.10 -39.22 22.51
N ILE B 284 -7.34 -39.74 22.45
CA ILE B 284 -8.41 -39.56 23.46
C ILE B 284 -8.99 -40.93 23.90
N GLU B 285 -8.77 -41.31 25.17
CA GLU B 285 -9.31 -42.54 25.75
C GLU B 285 -10.80 -42.31 26.10
N SER B 286 -11.68 -43.28 25.74
CA SER B 286 -13.15 -43.22 25.95
C SER B 286 -13.69 -41.89 25.40
N PHE B 287 -13.41 -41.64 24.11
CA PHE B 287 -13.74 -40.43 23.37
C PHE B 287 -15.22 -40.25 23.16
N TYR B 288 -15.84 -41.15 22.38
CA TYR B 288 -17.25 -41.16 22.06
C TYR B 288 -17.77 -42.58 22.28
N GLU B 289 -18.82 -42.75 23.16
CA GLU B 289 -19.44 -44.05 23.49
C GLU B 289 -18.40 -45.09 24.01
N GLY B 290 -17.50 -44.62 24.87
CA GLY B 290 -16.43 -45.42 25.46
C GLY B 290 -15.43 -46.03 24.48
N GLU B 291 -15.40 -45.52 23.24
CA GLU B 291 -14.46 -45.95 22.21
C GLU B 291 -13.32 -44.90 22.17
N ASP B 292 -12.08 -45.33 21.97
CA ASP B 292 -10.93 -44.42 21.96
C ASP B 292 -10.67 -43.80 20.59
N PHE B 293 -10.06 -42.63 20.59
CA PHE B 293 -9.71 -41.88 19.39
C PHE B 293 -8.19 -41.84 19.26
N SER B 294 -7.69 -42.31 18.10
CA SER B 294 -6.27 -42.22 17.77
C SER B 294 -6.13 -41.83 16.31
N GLU B 295 -5.61 -40.62 16.06
CA GLU B 295 -5.42 -40.11 14.70
C GLU B 295 -4.21 -39.19 14.58
N THR B 296 -3.59 -39.18 13.40
CA THR B 296 -2.43 -38.34 13.14
C THR B 296 -2.76 -37.18 12.20
N LEU B 297 -2.02 -36.09 12.35
CA LEU B 297 -2.16 -34.91 11.52
C LEU B 297 -0.78 -34.52 11.07
N THR B 298 -0.65 -34.34 9.77
CA THR B 298 0.61 -33.90 9.18
C THR B 298 0.59 -32.36 9.02
N ARG B 299 1.79 -31.74 8.95
CA ARG B 299 1.90 -30.31 8.71
C ARG B 299 1.28 -29.99 7.35
N ALA B 300 1.54 -30.82 6.32
CA ALA B 300 1.01 -30.68 4.97
C ALA B 300 -0.53 -30.64 4.92
N LYS B 301 -1.22 -31.51 5.71
CA LYS B 301 -2.70 -31.58 5.78
C LYS B 301 -3.27 -30.37 6.50
N PHE B 302 -2.67 -29.98 7.66
CA PHE B 302 -3.04 -28.79 8.43
C PHE B 302 -3.00 -27.59 7.50
N GLU B 303 -1.92 -27.45 6.71
CA GLU B 303 -1.81 -26.35 5.73
C GLU B 303 -2.90 -26.46 4.66
N GLU B 304 -3.15 -27.67 4.13
CA GLU B 304 -4.18 -27.85 3.10
C GLU B 304 -5.59 -27.53 3.62
N LEU B 305 -5.88 -27.86 4.88
CA LEU B 305 -7.16 -27.56 5.51
C LEU B 305 -7.35 -26.07 5.76
N ASN B 306 -6.25 -25.31 5.87
CA ASN B 306 -6.28 -23.88 6.22
C ASN B 306 -5.73 -22.88 5.17
N MET B 307 -5.24 -23.36 4.01
CA MET B 307 -4.58 -22.56 2.95
C MET B 307 -5.31 -21.28 2.53
N ASP B 308 -6.63 -21.37 2.30
CA ASP B 308 -7.45 -20.23 1.92
C ASP B 308 -7.50 -19.17 3.03
N LEU B 309 -7.51 -19.62 4.31
CA LEU B 309 -7.54 -18.74 5.49
C LEU B 309 -6.18 -18.09 5.65
N PHE B 310 -5.10 -18.84 5.42
CA PHE B 310 -3.73 -18.37 5.46
C PHE B 310 -3.51 -17.30 4.35
N ARG B 311 -3.88 -17.63 3.10
CA ARG B 311 -3.72 -16.71 1.96
C ARG B 311 -4.54 -15.43 2.08
N SER B 312 -5.71 -15.50 2.76
CA SER B 312 -6.60 -14.35 2.94
C SER B 312 -5.98 -13.21 3.75
N THR B 313 -4.90 -13.51 4.53
CA THR B 313 -4.19 -12.55 5.39
C THR B 313 -3.40 -11.47 4.59
N MET B 314 -3.09 -11.75 3.31
CA MET B 314 -2.31 -10.88 2.42
C MET B 314 -3.11 -9.69 1.87
N LYS B 315 -4.42 -9.88 1.70
CA LYS B 315 -5.34 -8.84 1.23
C LYS B 315 -5.32 -7.58 2.15
N PRO B 316 -5.53 -7.65 3.50
CA PRO B 316 -5.42 -6.41 4.32
C PRO B 316 -4.03 -5.79 4.34
N VAL B 317 -2.94 -6.59 4.16
CA VAL B 317 -1.57 -6.11 4.10
C VAL B 317 -1.39 -5.21 2.85
N GLN B 318 -1.83 -5.70 1.67
CA GLN B 318 -1.78 -4.97 0.40
C GLN B 318 -2.63 -3.70 0.51
N LYS B 319 -3.79 -3.80 1.19
CA LYS B 319 -4.69 -2.68 1.45
C LYS B 319 -4.04 -1.57 2.34
N VAL B 320 -3.35 -1.93 3.46
CA VAL B 320 -2.71 -0.92 4.34
C VAL B 320 -1.59 -0.16 3.64
N LEU B 321 -0.88 -0.83 2.73
CA LEU B 321 0.19 -0.20 1.98
C LEU B 321 -0.39 0.91 1.09
N GLU B 322 -1.50 0.61 0.40
CA GLU B 322 -2.25 1.55 -0.46
C GLU B 322 -2.82 2.73 0.34
N ASP B 323 -3.50 2.43 1.47
CA ASP B 323 -4.10 3.44 2.37
C ASP B 323 -3.05 4.35 3.04
N SER B 324 -1.76 3.99 2.98
CA SER B 324 -0.67 4.78 3.55
C SER B 324 0.26 5.31 2.45
N ASP B 325 -0.13 5.10 1.17
CA ASP B 325 0.62 5.50 -0.03
C ASP B 325 2.07 5.03 0.02
N LEU B 326 2.24 3.73 0.29
CA LEU B 326 3.54 3.08 0.38
C LEU B 326 3.58 1.90 -0.56
N LYS B 327 4.80 1.37 -0.79
CA LYS B 327 5.10 0.19 -1.59
C LYS B 327 5.76 -0.81 -0.62
N LYS B 328 5.93 -2.08 -1.06
CA LYS B 328 6.58 -3.11 -0.23
C LYS B 328 8.01 -2.70 0.15
N SER B 329 8.73 -2.05 -0.79
CA SER B 329 10.10 -1.54 -0.63
C SER B 329 10.22 -0.51 0.50
N ASP B 330 9.09 0.18 0.80
CA ASP B 330 9.02 1.21 1.84
C ASP B 330 8.93 0.65 3.26
N ILE B 331 8.76 -0.67 3.45
CA ILE B 331 8.67 -1.28 4.78
C ILE B 331 10.07 -1.59 5.32
N ASP B 332 10.42 -0.94 6.43
CA ASP B 332 11.73 -1.08 7.05
C ASP B 332 11.80 -2.19 8.07
N GLU B 333 10.66 -2.43 8.77
CA GLU B 333 10.54 -3.44 9.82
C GLU B 333 9.21 -4.17 9.70
N ILE B 334 9.25 -5.51 9.81
CA ILE B 334 8.09 -6.40 9.82
C ILE B 334 8.04 -7.02 11.21
N VAL B 335 6.97 -6.74 11.96
CA VAL B 335 6.76 -7.25 13.32
C VAL B 335 5.63 -8.28 13.31
N LEU B 336 5.93 -9.52 13.75
CA LEU B 336 4.93 -10.60 13.84
C LEU B 336 4.42 -10.70 15.28
N VAL B 337 3.08 -10.66 15.42
CA VAL B 337 2.40 -10.73 16.72
C VAL B 337 1.39 -11.87 16.70
N GLY B 338 1.16 -12.48 17.86
CA GLY B 338 0.22 -13.57 18.02
C GLY B 338 0.85 -14.93 17.81
N GLY B 339 0.45 -15.89 18.63
CA GLY B 339 0.98 -17.25 18.57
C GLY B 339 0.87 -17.88 17.19
N SER B 340 -0.18 -17.52 16.45
CA SER B 340 -0.42 -18.04 15.11
C SER B 340 0.68 -17.71 14.10
N THR B 341 1.48 -16.65 14.36
CA THR B 341 2.57 -16.25 13.45
C THR B 341 3.79 -17.20 13.57
N ARG B 342 3.74 -18.13 14.55
CA ARG B 342 4.72 -19.20 14.74
C ARG B 342 4.54 -20.23 13.63
N ILE B 343 3.33 -20.30 13.00
CA ILE B 343 2.98 -21.21 11.91
C ILE B 343 3.96 -20.99 10.72
N PRO B 344 4.79 -22.01 10.36
CA PRO B 344 5.76 -21.85 9.25
C PRO B 344 5.17 -21.35 7.91
N LYS B 345 3.96 -21.79 7.53
CA LYS B 345 3.34 -21.32 6.28
C LYS B 345 2.96 -19.82 6.34
N ILE B 346 2.48 -19.33 7.51
CA ILE B 346 2.16 -17.92 7.74
C ILE B 346 3.47 -17.11 7.60
N GLN B 347 4.57 -17.64 8.13
CA GLN B 347 5.89 -17.00 8.06
C GLN B 347 6.41 -16.95 6.64
N GLN B 348 6.24 -18.04 5.89
CA GLN B 348 6.63 -18.15 4.48
C GLN B 348 5.85 -17.13 3.66
N LEU B 349 4.51 -17.09 3.82
CA LEU B 349 3.60 -16.18 3.13
C LEU B 349 3.97 -14.69 3.29
N VAL B 350 4.23 -14.26 4.54
CA VAL B 350 4.60 -12.88 4.88
C VAL B 350 5.98 -12.54 4.24
N LYS B 351 6.96 -13.47 4.33
CA LYS B 351 8.31 -13.27 3.77
C LYS B 351 8.28 -13.06 2.25
N GLU B 352 7.58 -13.96 1.52
CA GLU B 352 7.43 -13.91 0.06
C GLU B 352 6.68 -12.66 -0.41
N PHE B 353 5.72 -12.17 0.41
CA PHE B 353 4.98 -10.95 0.10
C PHE B 353 5.94 -9.74 0.17
N PHE B 354 6.92 -9.78 1.08
CA PHE B 354 7.90 -8.70 1.23
C PHE B 354 9.23 -9.05 0.53
N ASN B 355 9.10 -9.75 -0.62
CA ASN B 355 10.15 -10.17 -1.55
C ASN B 355 11.46 -10.65 -0.88
N GLY B 356 11.29 -11.51 0.12
CA GLY B 356 12.39 -12.14 0.86
C GLY B 356 12.79 -11.48 2.16
N LYS B 357 12.22 -10.29 2.47
CA LYS B 357 12.57 -9.58 3.71
C LYS B 357 12.23 -10.39 4.96
N GLU B 358 13.23 -10.54 5.83
CA GLU B 358 13.10 -11.27 7.07
C GLU B 358 12.48 -10.41 8.19
N PRO B 359 11.43 -10.92 8.89
CA PRO B 359 10.85 -10.14 10.02
C PRO B 359 11.74 -10.12 11.27
N SER B 360 11.51 -9.20 12.19
CA SER B 360 12.25 -9.15 13.43
C SER B 360 11.96 -10.37 14.24
N ARG B 361 12.87 -10.80 15.08
CA ARG B 361 12.77 -12.15 15.56
C ARG B 361 13.03 -12.46 17.01
N GLY B 362 13.59 -11.57 17.76
CA GLY B 362 13.84 -11.81 19.18
C GLY B 362 12.80 -12.38 20.14
N ILE B 363 11.69 -11.67 20.31
CA ILE B 363 10.63 -12.02 21.24
C ILE B 363 9.64 -13.07 20.73
N ASN B 364 9.01 -13.80 21.64
CA ASN B 364 7.86 -14.64 21.34
C ASN B 364 6.66 -13.81 20.83
N PRO B 365 6.07 -14.12 19.67
CA PRO B 365 5.00 -13.24 19.16
C PRO B 365 3.75 -13.16 20.02
N ASP B 366 3.53 -14.17 20.86
CA ASP B 366 2.38 -14.20 21.75
C ASP B 366 2.64 -13.33 23.01
N GLU B 367 3.90 -12.92 23.23
CA GLU B 367 4.32 -12.17 24.40
C GLU B 367 4.78 -10.72 24.14
N ALA B 368 5.03 -10.38 22.87
CA ALA B 368 5.54 -9.09 22.41
C ALA B 368 4.75 -7.88 22.89
N VAL B 369 3.42 -7.93 22.82
CA VAL B 369 2.59 -6.82 23.27
C VAL B 369 2.70 -6.63 24.81
N ALA B 370 2.63 -7.73 25.62
CA ALA B 370 2.78 -7.61 27.08
C ALA B 370 4.20 -7.16 27.44
N TYR B 371 5.20 -7.56 26.63
CA TYR B 371 6.60 -7.19 26.78
C TYR B 371 6.74 -5.66 26.63
N GLY B 372 6.20 -5.10 25.53
CA GLY B 372 6.21 -3.68 25.22
C GLY B 372 5.50 -2.84 26.27
N ALA B 373 4.42 -3.39 26.81
CA ALA B 373 3.62 -2.81 27.87
C ALA B 373 4.44 -2.79 29.18
N ALA B 374 5.19 -3.88 29.44
CA ALA B 374 6.07 -4.03 30.61
C ALA B 374 7.32 -3.12 30.50
N VAL B 375 7.75 -2.77 29.25
CA VAL B 375 8.86 -1.83 29.04
C VAL B 375 8.40 -0.42 29.52
N GLN B 376 7.18 0.00 29.10
CA GLN B 376 6.59 1.30 29.49
C GLN B 376 6.30 1.33 30.98
N ALA B 377 5.80 0.19 31.54
CA ALA B 377 5.49 0.01 32.97
C ALA B 377 6.73 0.20 33.84
N GLY B 378 7.90 -0.23 33.33
CA GLY B 378 9.18 -0.07 33.99
C GLY B 378 9.56 1.38 34.24
N VAL B 379 9.50 2.21 33.17
CA VAL B 379 9.76 3.65 33.20
C VAL B 379 8.86 4.30 34.26
N LEU B 380 7.57 3.94 34.26
CA LEU B 380 6.55 4.44 35.16
C LEU B 380 6.74 4.01 36.60
N SER B 381 7.37 2.85 36.82
CA SER B 381 7.65 2.33 38.16
C SER B 381 8.83 3.07 38.77
N GLY B 382 9.88 3.30 37.97
CA GLY B 382 11.10 3.98 38.39
C GLY B 382 12.13 2.99 38.97
C4 GBA C . 1.09 21.88 -17.99
C5 GBA C . 1.39 23.10 -18.50
C6 GBA C . 1.18 24.21 -17.76
C8 GBA C . 1.90 21.63 -19.94
N1 GBA C . 0.65 24.11 -16.52
N3 GBA C . 0.59 21.73 -16.74
O2' GBA C . -1.01 18.85 -19.26
C2' GBA C . 0.35 18.77 -19.64
C3' GBA C . 0.81 17.33 -19.53
O3' GBA C . 0.01 16.64 -18.54
C4' GBA C . 2.26 17.44 -19.11
C5' GBA C . 3.16 17.19 -20.31
O5' GBA C . 4.54 17.38 -19.94
O4' GBA C . 2.50 18.80 -18.68
C1' GBA C . 1.23 19.49 -18.64
N9 GBA C . 1.40 20.97 -18.91
BR8 GBA C . 2.61 20.81 -21.54
N7 GBA C . 1.89 22.94 -19.71
C2 GBA C . 0.35 22.86 -15.97
N6 GBA C . 1.46 25.39 -18.30
C4 GBA D . 0.12 -21.18 18.14
C5 GBA D . 1.28 -21.56 18.71
C6 GBA D . 2.15 -22.31 18.00
C8 GBA D . 0.21 -20.38 20.12
N1 GBA D . 1.88 -22.71 16.75
N3 GBA D . -0.21 -21.58 16.88
O2' GBA D . -3.53 -21.64 19.51
C2' GBA D . -2.98 -20.34 19.82
C3' GBA D . -4.04 -19.26 19.70
O3' GBA D . -4.95 -19.66 18.65
C4' GBA D . -3.25 -18.02 19.24
C5' GBA D . -3.08 -16.97 20.36
O5' GBA D . -2.15 -15.95 19.93
O4' GBA D . -1.92 -18.45 18.84
C1' GBA D . -1.93 -19.90 18.77
N9 GBA D . -0.56 -20.47 19.03
BR8 GBA D . -0.22 -19.38 21.73
N7 GBA D . 1.34 -21.06 19.93
C2 GBA D . 0.66 -22.39 16.14
N6 GBA D . 3.27 -22.70 18.62
#